data_7T62
#
_entry.id   7T62
#
loop_
_entity.id
_entity.type
_entity.pdbx_description
1 polymer Glypican-2
2 polymer CT3
#
loop_
_entity_poly.entity_id
_entity_poly.type
_entity_poly.pdbx_seq_one_letter_code
_entity_poly.pdbx_strand_id
1 'polypeptide(L)'
;GPGPGSEAKVTRSCAETRQVLGARGYSLNLIPPALISGEHLRVCPQEYTCCSSETEQRLIRETEATFRGLVEDSGSFLVH
TLAARHRKFDEFFLEMLSVAQHSLTQLFSHSYGRLYAQHALIFNGLFSRLRDFYGESGEGLDDTLADFWAQLLERVFPLL
HPQYSFPPDYLLCLSRLASSTDGSLQPFGDSPRRLRLQITRTLVAARAFVQGLETGRNVVSEALKVPVSEGCSQALMRLI
GCPLCRGVPSLMPCQGFCLNVVRGCLSSRGLEPDWGNYLDGLLILADKLQGPFSFELTAESIGVKISEGLMYLQENSAKV
SAQVFQECGPPDPVPARNRRAPPPREEAGRLWSMVTEEERPTTAAGTNLHRLVWELRERLARMRGFWARLSLTVCGDSRM
AADASLEAAPCWTGAGRGRYLPPVVGGSPAEQVNNPELKVDASGPDVPTRRRRLQLRAATARMKTAALGHDLDGQDADED
ASGSGGGQQYADDWMAGAVAPPARPPRPPYPPRRDGSGGKGGGGSARYNQGRSRSGGASIGFHTQTILILSLSALALLGP
R
;
A
2 'polypeptide(L)'
;EVQLQQSGPELVKPGASVKMSCKASRFTFTDYNIHWVKQSPGKTLEWIGYINPNNGDIFYKQKFNGKATLTINKSSNTAY
MELRSLTSEDSAVYYCVRSSNIRYTFDRFFDVWGTGTTVTVSSAKTTPPSVYPLAPGSAAQTNSMVTLGCLVKGYFPEPV
TVTWNSGSLSSGVHTFPAVLESDLYTLSSSVTVPSSPRPSETVTCNVAHPASSTKVDKKIENVLTQSPAIMSASLGEKVT
MSCRASSSVNYIYWYQQKSDASPKLWIYYTSNLAPGVPARFSGSGSGNSYSLTISSMEGEDAATYYCQQFSSSPSTFGTG
TKLELKRADAAPTVSIFPPSSEQLTSGGASVVCFLNNFYPKDINVKWKIDGSERQNGVLNSWTDQDSKDSTYSMSSTLTL
TKDEYERHNSYTCEATHKTSTSPIVKSFNRNEC
;
B
#
# COMPACT_ATOMS: atom_id res chain seq x y z
N GLY A 1 69.73 10.22 -5.98
CA GLY A 1 69.40 8.98 -5.22
C GLY A 1 69.50 7.73 -6.08
N PRO A 2 69.49 6.53 -5.48
CA PRO A 2 69.58 5.32 -6.31
C PRO A 2 68.29 4.96 -7.04
N GLY A 3 68.44 4.37 -8.21
CA GLY A 3 67.29 3.93 -9.00
C GLY A 3 67.69 2.90 -10.03
N PRO A 4 66.74 2.35 -10.81
CA PRO A 4 67.12 1.35 -11.81
C PRO A 4 67.77 1.97 -13.05
N GLY A 5 68.50 1.14 -13.80
CA GLY A 5 69.07 1.59 -15.06
C GLY A 5 68.01 1.75 -16.13
N SER A 6 68.36 2.44 -17.20
CA SER A 6 67.42 2.69 -18.30
C SER A 6 68.08 2.52 -19.66
N GLU A 7 67.26 2.29 -20.68
CA GLU A 7 67.76 2.14 -22.05
C GLU A 7 67.75 3.48 -22.76
N ALA A 8 68.78 3.73 -23.58
CA ALA A 8 68.82 4.95 -24.38
C ALA A 8 67.78 4.87 -25.49
N LYS A 9 66.84 5.82 -25.49
CA LYS A 9 65.76 5.87 -26.47
C LYS A 9 65.63 7.28 -27.01
N VAL A 10 64.92 7.43 -28.12
CA VAL A 10 64.69 8.75 -28.72
C VAL A 10 63.95 9.61 -27.70
N THR A 11 64.46 10.82 -27.48
CA THR A 11 63.94 11.71 -26.44
C THR A 11 62.45 12.01 -26.64
N ARG A 12 61.65 11.76 -25.60
CA ARG A 12 60.22 12.05 -25.60
C ARG A 12 59.52 11.41 -26.80
N SER A 13 59.82 10.15 -27.04
CA SER A 13 59.25 9.41 -28.17
C SER A 13 57.80 9.03 -27.89
N CYS A 14 56.90 9.54 -28.72
CA CYS A 14 55.46 9.28 -28.56
C CYS A 14 55.05 7.91 -29.09
N ALA A 15 55.91 7.28 -29.88
CA ALA A 15 55.69 5.90 -30.28
C ALA A 15 55.63 5.00 -29.04
N GLU A 16 56.45 5.31 -28.04
CA GLU A 16 56.43 4.57 -26.77
C GLU A 16 55.13 4.82 -26.02
N THR A 17 54.64 6.06 -26.09
CA THR A 17 53.35 6.41 -25.50
C THR A 17 52.23 5.61 -26.16
N ARG A 18 52.31 5.44 -27.47
CA ARG A 18 51.35 4.66 -28.23
C ARG A 18 51.36 3.20 -27.80
N GLN A 19 52.54 2.65 -27.51
CA GLN A 19 52.65 1.28 -27.05
C GLN A 19 51.97 1.08 -25.69
N VAL A 20 52.11 2.06 -24.81
CA VAL A 20 51.53 1.97 -23.46
C VAL A 20 50.01 2.13 -23.50
N LEU A 21 49.52 3.13 -24.25
CA LEU A 21 48.09 3.43 -24.26
C LEU A 21 47.30 2.58 -25.25
N GLY A 22 47.95 2.10 -26.31
CA GLY A 22 47.29 1.22 -27.25
C GLY A 22 46.89 -0.09 -26.59
N ALA A 23 47.70 -0.52 -25.63
CA ALA A 23 47.40 -1.72 -24.84
C ALA A 23 46.16 -1.52 -23.98
N ARG A 24 45.87 -0.27 -23.63
CA ARG A 24 44.71 0.08 -22.83
C ARG A 24 43.46 0.31 -23.69
N GLY A 25 43.59 0.13 -24.99
CA GLY A 25 42.47 0.28 -25.91
C GLY A 25 42.29 1.66 -26.51
N TYR A 26 43.26 2.55 -26.32
CA TYR A 26 43.20 3.88 -26.93
C TYR A 26 43.39 3.75 -28.44
N SER A 27 42.66 4.56 -29.20
CA SER A 27 42.82 4.54 -30.66
C SER A 27 44.21 5.09 -30.99
N LEU A 28 44.88 4.42 -31.90
CA LEU A 28 46.29 4.70 -32.20
C LEU A 28 46.47 6.03 -32.92
N ASN A 29 45.42 6.50 -33.59
CA ASN A 29 45.49 7.72 -34.38
C ASN A 29 45.32 8.97 -33.52
N LEU A 30 45.15 8.79 -32.20
CA LEU A 30 45.07 9.88 -31.26
C LEU A 30 46.43 10.20 -30.64
N ILE A 31 47.42 9.38 -30.98
CA ILE A 31 48.76 9.49 -30.43
C ILE A 31 49.77 9.47 -31.57
N PRO A 32 50.39 10.62 -31.91
CA PRO A 32 51.36 10.57 -33.00
C PRO A 32 52.63 9.81 -32.62
N PRO A 33 53.44 9.40 -33.60
CA PRO A 33 54.68 8.70 -33.22
C PRO A 33 55.78 9.61 -32.68
N ALA A 34 55.61 10.91 -32.83
CA ALA A 34 56.55 11.92 -32.36
C ALA A 34 55.73 13.10 -31.83
N LEU A 35 56.35 14.01 -31.10
CA LEU A 35 55.62 15.12 -30.49
C LEU A 35 54.87 15.90 -31.56
N ILE A 36 53.61 16.20 -31.27
CA ILE A 36 52.73 16.90 -32.21
C ILE A 36 53.18 18.35 -32.35
N SER A 37 52.97 18.94 -33.52
CA SER A 37 53.34 20.32 -33.79
C SER A 37 52.31 21.30 -33.22
N GLY A 38 51.98 21.10 -31.95
CA GLY A 38 51.04 21.94 -31.22
C GLY A 38 51.12 21.53 -29.76
N GLU A 39 50.48 22.27 -28.87
CA GLU A 39 50.57 21.94 -27.45
C GLU A 39 49.37 21.11 -26.98
N HIS A 40 48.16 21.60 -27.23
CA HIS A 40 46.92 20.88 -26.95
C HIS A 40 46.65 20.48 -25.51
N LEU A 41 47.59 20.80 -24.60
CA LEU A 41 47.48 20.42 -23.20
C LEU A 41 46.89 21.56 -22.36
N ARG A 42 45.94 21.20 -21.50
CA ARG A 42 45.21 22.17 -20.68
C ARG A 42 45.38 21.93 -19.19
N VAL A 43 45.47 20.66 -18.80
CA VAL A 43 45.67 20.29 -17.40
C VAL A 43 47.16 20.13 -17.12
N CYS A 44 47.88 19.58 -18.10
CA CYS A 44 49.32 19.44 -18.04
C CYS A 44 49.97 20.73 -18.54
N PRO A 45 51.26 20.95 -18.27
CA PRO A 45 51.82 22.20 -18.83
C PRO A 45 51.63 22.29 -20.35
N GLN A 46 51.43 23.52 -20.83
CA GLN A 46 51.15 23.77 -22.23
C GLN A 46 52.43 23.68 -23.08
N GLU A 47 52.76 22.45 -23.49
CA GLU A 47 53.94 22.18 -24.29
C GLU A 47 53.62 21.11 -25.34
N TYR A 48 54.52 20.91 -26.29
CA TYR A 48 54.33 19.91 -27.34
C TYR A 48 54.11 18.53 -26.72
N THR A 49 53.26 17.72 -27.32
CA THR A 49 52.70 16.56 -26.63
C THR A 49 52.46 15.33 -27.49
N CYS A 50 52.31 14.19 -26.82
CA CYS A 50 51.91 12.93 -27.43
C CYS A 50 50.42 12.68 -27.35
N CYS A 51 49.70 13.54 -26.62
CA CYS A 51 48.27 13.37 -26.39
C CYS A 51 47.44 14.37 -27.21
N SER A 52 46.58 13.84 -28.06
CA SER A 52 45.48 14.66 -28.59
C SER A 52 44.61 15.06 -27.39
N SER A 53 43.76 16.07 -27.57
CA SER A 53 42.87 16.49 -26.49
C SER A 53 41.94 15.36 -26.06
N GLU A 54 41.58 14.48 -26.98
CA GLU A 54 40.75 13.32 -26.66
C GLU A 54 41.52 12.33 -25.79
N THR A 55 42.81 12.15 -26.07
CA THR A 55 43.67 11.28 -25.28
C THR A 55 43.82 11.81 -23.87
N GLU A 56 43.98 13.13 -23.75
CA GLU A 56 44.12 13.79 -22.46
C GLU A 56 42.85 13.58 -21.62
N GLN A 57 41.69 13.73 -22.25
CA GLN A 57 40.41 13.56 -21.57
C GLN A 57 40.15 12.11 -21.19
N ARG A 58 40.56 11.17 -22.04
CA ARG A 58 40.45 9.75 -21.73
C ARG A 58 41.31 9.38 -20.53
N LEU A 59 42.50 9.98 -20.45
CA LEU A 59 43.41 9.72 -19.33
C LEU A 59 42.88 10.28 -18.02
N ILE A 60 42.24 11.45 -18.07
CA ILE A 60 41.62 12.04 -16.88
C ILE A 60 40.56 11.09 -16.34
N ARG A 61 39.74 10.55 -17.23
CA ARG A 61 38.66 9.64 -16.84
C ARG A 61 39.17 8.29 -16.36
N GLU A 62 40.21 7.79 -17.02
CA GLU A 62 40.80 6.50 -16.68
C GLU A 62 41.49 6.53 -15.32
N THR A 63 42.17 7.64 -15.02
CA THR A 63 42.86 7.77 -13.74
C THR A 63 41.85 7.96 -12.61
N GLU A 64 40.77 8.68 -12.88
CA GLU A 64 39.68 8.85 -11.92
C GLU A 64 39.02 7.52 -11.60
N ALA A 65 38.85 6.68 -12.62
CA ALA A 65 38.26 5.36 -12.43
C ALA A 65 39.17 4.47 -11.59
N THR A 66 40.47 4.57 -11.83
CA THR A 66 41.47 3.83 -11.06
C THR A 66 41.46 4.28 -9.60
N PHE A 67 41.35 5.59 -9.39
CA PHE A 67 41.27 6.16 -8.06
C PHE A 67 40.06 5.65 -7.28
N ARG A 68 38.89 5.67 -7.92
CA ARG A 68 37.66 5.26 -7.27
C ARG A 68 37.67 3.79 -6.88
N GLY A 69 38.29 2.95 -7.71
CA GLY A 69 38.35 1.53 -7.43
C GLY A 69 39.06 1.19 -6.14
N LEU A 70 40.07 1.97 -5.79
CA LEU A 70 40.86 1.73 -4.57
C LEU A 70 40.13 2.19 -3.31
N VAL A 71 39.21 3.13 -3.47
CA VAL A 71 38.44 3.67 -2.34
C VAL A 71 37.17 2.88 -2.10
N GLU A 72 36.47 2.53 -3.18
CA GLU A 72 35.18 1.84 -3.08
C GLU A 72 35.32 0.41 -2.57
N ASP A 73 36.36 -0.29 -2.97
CA ASP A 73 36.58 -1.67 -2.52
C ASP A 73 36.86 -1.73 -1.02
N SER A 74 37.60 -0.75 -0.52
CA SER A 74 37.93 -0.71 0.90
C SER A 74 36.72 -0.27 1.72
N GLY A 75 35.85 0.52 1.10
CA GLY A 75 34.62 0.95 1.74
C GLY A 75 33.59 -0.17 1.78
N SER A 76 33.53 -0.96 0.71
CA SER A 76 32.61 -2.08 0.64
C SER A 76 32.95 -3.11 1.73
N PHE A 77 34.22 -3.24 2.04
CA PHE A 77 34.68 -4.10 3.13
C PHE A 77 34.18 -3.60 4.47
N LEU A 78 34.27 -2.30 4.72
CA LEU A 78 33.80 -1.73 5.97
C LEU A 78 32.30 -1.85 6.12
N VAL A 79 31.55 -1.61 5.05
CA VAL A 79 30.10 -1.79 5.05
C VAL A 79 29.76 -3.27 5.29
N HIS A 80 30.50 -4.17 4.64
CA HIS A 80 30.29 -5.60 4.80
C HIS A 80 30.53 -6.05 6.24
N THR A 81 31.62 -5.61 6.85
CA THR A 81 31.94 -6.01 8.22
C THR A 81 30.95 -5.40 9.21
N LEU A 82 30.44 -4.21 8.93
CA LEU A 82 29.44 -3.59 9.79
C LEU A 82 28.15 -4.39 9.76
N ALA A 83 27.77 -4.86 8.58
CA ALA A 83 26.61 -5.74 8.46
C ALA A 83 26.86 -7.10 9.12
N ALA A 84 28.09 -7.59 9.01
CA ALA A 84 28.45 -8.87 9.63
C ALA A 84 28.41 -8.80 11.15
N ARG A 85 28.91 -7.69 11.72
CA ARG A 85 28.86 -7.48 13.16
C ARG A 85 27.41 -7.41 13.63
N HIS A 86 26.59 -6.71 12.85
CA HIS A 86 25.17 -6.56 13.16
C HIS A 86 24.45 -7.90 13.15
N ARG A 87 24.59 -8.66 12.07
CA ARG A 87 23.91 -9.95 11.96
C ARG A 87 24.38 -10.95 13.02
N LYS A 88 25.68 -11.03 13.24
CA LYS A 88 26.22 -11.99 14.20
C LYS A 88 25.76 -11.70 15.63
N PHE A 89 25.66 -10.42 15.96
CA PHE A 89 25.21 -10.00 17.28
C PHE A 89 23.75 -10.35 17.52
N ASP A 90 22.91 -10.19 16.51
CA ASP A 90 21.47 -10.43 16.65
C ASP A 90 21.10 -11.91 16.74
N GLU A 91 21.89 -12.76 16.09
CA GLU A 91 21.58 -14.19 16.02
C GLU A 91 21.70 -14.89 17.36
N PHE A 92 22.68 -14.51 18.18
CA PHE A 92 22.83 -15.09 19.50
C PHE A 92 21.74 -14.61 20.45
N PHE A 93 21.24 -13.41 20.21
CA PHE A 93 20.15 -12.85 21.02
C PHE A 93 18.84 -13.56 20.70
N LEU A 94 18.61 -13.83 19.43
CA LEU A 94 17.43 -14.56 18.99
C LEU A 94 17.48 -16.01 19.47
N GLU A 95 18.69 -16.59 19.43
CA GLU A 95 18.89 -17.96 19.89
C GLU A 95 18.62 -18.09 21.38
N MET A 96 19.19 -17.21 22.20
CA MET A 96 19.02 -17.30 23.64
C MET A 96 17.59 -16.98 24.07
N LEU A 97 16.90 -16.14 23.31
CA LEU A 97 15.48 -15.88 23.55
C LEU A 97 14.68 -17.16 23.39
N SER A 98 15.03 -17.97 22.40
CA SER A 98 14.34 -19.23 22.16
C SER A 98 14.78 -20.33 23.14
N VAL A 99 16.07 -20.40 23.45
CA VAL A 99 16.59 -21.42 24.34
C VAL A 99 16.05 -21.21 25.75
N ALA A 100 16.03 -19.97 26.22
CA ALA A 100 15.52 -19.68 27.55
C ALA A 100 14.03 -20.00 27.62
N GLN A 101 13.29 -19.64 26.58
CA GLN A 101 11.83 -19.86 26.55
C GLN A 101 11.48 -21.34 26.66
N HIS A 102 12.21 -22.21 25.97
CA HIS A 102 11.96 -23.64 26.06
C HIS A 102 12.37 -24.18 27.43
N SER A 103 13.49 -23.71 27.96
CA SER A 103 13.96 -24.18 29.27
C SER A 103 13.01 -23.75 30.39
N LEU A 104 12.32 -22.63 30.21
CA LEU A 104 11.35 -22.16 31.19
C LEU A 104 10.10 -23.02 31.13
N THR A 105 9.71 -23.41 29.92
CA THR A 105 8.57 -24.30 29.72
C THR A 105 8.84 -25.65 30.37
N GLN A 106 10.06 -26.14 30.26
CA GLN A 106 10.46 -27.39 30.90
C GLN A 106 10.53 -27.23 32.42
N LEU A 107 11.04 -26.10 32.88
CA LEU A 107 11.19 -25.85 34.31
C LEU A 107 9.84 -25.75 35.02
N PHE A 108 8.95 -24.91 34.50
CA PHE A 108 7.72 -24.58 35.20
C PHE A 108 6.64 -25.65 35.06
N SER A 109 6.66 -26.39 33.95
CA SER A 109 5.68 -27.46 33.74
C SER A 109 5.86 -28.58 34.77
N HIS A 110 7.08 -28.78 35.24
CA HIS A 110 7.36 -29.79 36.25
C HIS A 110 7.33 -29.25 37.67
N SER A 111 7.85 -28.04 37.88
CA SER A 111 7.92 -27.47 39.22
C SER A 111 6.59 -26.91 39.72
N TYR A 112 5.74 -26.43 38.82
CA TYR A 112 4.47 -25.84 39.19
C TYR A 112 3.25 -26.53 38.56
N GLY A 113 3.51 -27.44 37.62
CA GLY A 113 2.45 -28.28 37.09
C GLY A 113 1.35 -27.54 36.35
N ARG A 114 0.10 -27.77 36.77
CA ARG A 114 -1.06 -27.16 36.15
C ARG A 114 -1.08 -25.64 36.30
N LEU A 115 -0.44 -25.15 37.35
CA LEU A 115 -0.39 -23.71 37.62
C LEU A 115 0.26 -23.00 36.44
N TYR A 116 1.28 -23.63 35.87
CA TYR A 116 1.95 -23.13 34.67
C TYR A 116 1.20 -23.53 33.40
N ALA A 117 0.83 -24.80 33.29
CA ALA A 117 0.30 -25.34 32.04
C ALA A 117 -0.94 -24.60 31.53
N GLN A 118 -1.78 -24.13 32.46
CA GLN A 118 -2.99 -23.41 32.11
C GLN A 118 -2.70 -21.96 31.67
N HIS A 119 -1.49 -21.48 31.96
CA HIS A 119 -1.15 -20.08 31.77
C HIS A 119 0.14 -19.87 30.99
N ALA A 120 0.60 -20.89 30.27
CA ALA A 120 1.86 -20.86 29.55
C ALA A 120 1.95 -19.70 28.57
N LEU A 121 0.82 -19.28 28.04
CA LEU A 121 0.75 -18.16 27.09
C LEU A 121 1.24 -16.85 27.70
N ILE A 122 1.08 -16.67 29.00
CA ILE A 122 1.50 -15.46 29.68
C ILE A 122 3.03 -15.42 29.74
N PHE A 123 3.62 -16.56 30.08
CA PHE A 123 5.07 -16.67 30.22
C PHE A 123 5.77 -16.53 28.86
N ASN A 124 5.19 -17.11 27.82
CA ASN A 124 5.75 -17.06 26.49
C ASN A 124 5.47 -15.71 25.83
N GLY A 125 4.40 -15.06 26.24
CA GLY A 125 4.07 -13.73 25.76
C GLY A 125 5.12 -12.72 26.16
N LEU A 126 5.71 -12.91 27.34
CA LEU A 126 6.78 -12.05 27.81
C LEU A 126 7.98 -12.10 26.86
N PHE A 127 8.33 -13.29 26.38
CA PHE A 127 9.46 -13.46 25.48
C PHE A 127 9.24 -12.78 24.13
N SER A 128 8.00 -12.74 23.66
CA SER A 128 7.70 -12.05 22.41
C SER A 128 7.92 -10.55 22.58
N ARG A 129 7.69 -10.04 23.79
CA ARG A 129 7.87 -8.63 24.09
C ARG A 129 9.31 -8.26 24.42
N LEU A 130 10.11 -9.24 24.86
CA LEU A 130 11.54 -9.03 25.01
C LEU A 130 12.14 -8.76 23.64
N ARG A 131 11.67 -9.48 22.63
CA ARG A 131 12.13 -9.32 21.26
C ARG A 131 11.61 -8.03 20.63
N ASP A 132 10.37 -7.68 20.93
CA ASP A 132 9.77 -6.46 20.42
C ASP A 132 10.46 -5.24 21.01
N PHE A 133 10.82 -5.30 22.29
CA PHE A 133 11.55 -4.23 22.95
C PHE A 133 12.94 -4.09 22.34
N TYR A 134 13.59 -5.21 22.06
CA TYR A 134 14.89 -5.23 21.41
C TYR A 134 14.84 -4.51 20.07
N GLY A 135 13.73 -4.64 19.35
CA GLY A 135 13.53 -3.94 18.10
C GLY A 135 12.90 -2.57 18.22
N GLU A 136 12.76 -2.08 19.46
CA GLU A 136 12.20 -0.76 19.76
C GLU A 136 10.73 -0.63 19.42
N SER A 137 10.07 -1.74 19.12
CA SER A 137 8.66 -1.76 18.76
C SER A 137 7.76 -2.07 19.96
N GLY A 138 8.35 -2.60 21.03
CA GLY A 138 7.63 -2.98 22.22
C GLY A 138 8.21 -2.34 23.47
N GLU A 139 8.40 -1.03 23.41
CA GLU A 139 9.04 -0.28 24.49
C GLU A 139 8.27 -0.31 25.82
N GLY A 140 7.00 -0.67 25.78
CA GLY A 140 6.20 -0.79 26.98
C GLY A 140 6.40 -2.09 27.73
N LEU A 141 7.60 -2.65 27.65
CA LEU A 141 7.96 -3.89 28.33
C LEU A 141 7.91 -3.75 29.85
N ASP A 142 8.21 -2.55 30.35
CA ASP A 142 8.19 -2.31 31.80
C ASP A 142 6.79 -2.50 32.38
N ASP A 143 5.77 -2.10 31.63
CA ASP A 143 4.39 -2.29 32.05
C ASP A 143 3.97 -3.74 31.87
N THR A 144 4.55 -4.41 30.88
CA THR A 144 4.32 -5.83 30.64
C THR A 144 4.88 -6.65 31.79
N LEU A 145 6.03 -6.21 32.32
CA LEU A 145 6.68 -6.85 33.44
C LEU A 145 5.93 -6.62 34.75
N ALA A 146 5.24 -5.49 34.85
CA ALA A 146 4.38 -5.22 36.00
C ALA A 146 3.07 -6.02 35.91
N ASP A 147 2.50 -6.07 34.71
CA ASP A 147 1.26 -6.79 34.47
C ASP A 147 1.46 -8.31 34.57
N PHE A 148 2.67 -8.76 34.28
CA PHE A 148 3.02 -10.17 34.37
C PHE A 148 2.75 -10.72 35.77
N TRP A 149 3.14 -9.97 36.80
CA TRP A 149 2.95 -10.40 38.18
C TRP A 149 1.50 -10.20 38.64
N ALA A 150 0.82 -9.23 38.05
CA ALA A 150 -0.60 -8.98 38.35
C ALA A 150 -1.46 -10.13 37.84
N GLN A 151 -1.17 -10.59 36.63
CA GLN A 151 -1.87 -11.73 36.03
C GLN A 151 -1.61 -13.01 36.83
N LEU A 152 -0.38 -13.19 37.29
CA LEU A 152 -0.03 -14.38 38.07
C LEU A 152 -0.82 -14.42 39.38
N LEU A 153 -0.90 -13.30 40.10
CA LEU A 153 -1.63 -13.28 41.36
C LEU A 153 -3.13 -13.47 41.11
N GLU A 154 -3.62 -12.91 40.03
CA GLU A 154 -5.02 -13.06 39.63
C GLU A 154 -5.41 -14.51 39.31
N ARG A 155 -4.52 -15.26 38.67
CA ARG A 155 -4.87 -16.56 38.10
C ARG A 155 -4.25 -17.77 38.77
N VAL A 156 -3.10 -17.60 39.41
CA VAL A 156 -2.44 -18.71 40.11
C VAL A 156 -3.02 -18.87 41.51
N PHE A 157 -3.32 -17.75 42.18
CA PHE A 157 -3.89 -17.81 43.53
C PHE A 157 -5.21 -18.57 43.62
N PRO A 158 -6.18 -18.34 42.71
CA PRO A 158 -7.37 -19.19 42.82
C PRO A 158 -7.14 -20.69 42.67
N LEU A 159 -6.08 -21.09 41.97
CA LEU A 159 -5.76 -22.51 41.81
C LEU A 159 -5.07 -23.07 43.04
N LEU A 160 -4.40 -22.20 43.79
CA LEU A 160 -3.79 -22.60 45.06
C LEU A 160 -4.86 -22.73 46.14
N HIS A 161 -5.93 -21.95 46.01
CA HIS A 161 -7.04 -21.97 46.96
C HIS A 161 -8.38 -22.18 46.26
N PRO A 162 -8.59 -23.36 45.66
CA PRO A 162 -9.77 -23.52 44.79
C PRO A 162 -11.10 -23.76 45.51
N GLN A 163 -11.06 -23.82 46.84
CA GLN A 163 -12.28 -23.97 47.63
C GLN A 163 -13.07 -22.68 47.74
N TYR A 164 -12.41 -21.55 47.46
CA TYR A 164 -13.02 -20.22 47.62
C TYR A 164 -13.58 -19.74 46.29
N SER A 165 -14.66 -18.97 46.35
CA SER A 165 -15.23 -18.35 45.16
C SER A 165 -14.48 -17.08 44.79
N PHE A 166 -14.22 -16.89 43.49
CA PHE A 166 -13.51 -15.71 43.00
C PHE A 166 -14.32 -15.01 41.91
N PRO A 167 -15.30 -14.17 42.30
CA PRO A 167 -15.97 -13.38 41.25
C PRO A 167 -15.02 -12.36 40.65
N PRO A 168 -15.41 -11.69 39.55
CA PRO A 168 -14.47 -10.72 38.96
C PRO A 168 -13.98 -9.63 39.91
N ASP A 169 -14.77 -9.31 40.94
CA ASP A 169 -14.36 -8.32 41.92
C ASP A 169 -13.10 -8.76 42.68
N TYR A 170 -13.01 -10.06 42.96
CA TYR A 170 -11.85 -10.63 43.64
C TYR A 170 -10.69 -10.83 42.68
N LEU A 171 -10.99 -11.17 41.43
CA LEU A 171 -9.95 -11.35 40.42
C LEU A 171 -9.28 -10.02 40.10
N LEU A 172 -10.08 -8.97 39.95
CA LEU A 172 -9.55 -7.63 39.72
C LEU A 172 -8.81 -7.14 40.96
N CYS A 173 -9.32 -7.47 42.13
CA CYS A 173 -8.66 -7.16 43.39
C CYS A 173 -7.29 -7.83 43.47
N LEU A 174 -7.21 -9.09 43.09
CA LEU A 174 -5.95 -9.82 43.07
C LEU A 174 -4.95 -9.18 42.12
N SER A 175 -5.42 -8.72 40.97
CA SER A 175 -4.54 -8.05 40.00
C SER A 175 -4.03 -6.71 40.52
N ARG A 176 -4.82 -6.03 41.35
CA ARG A 176 -4.40 -4.78 41.96
C ARG A 176 -3.50 -5.01 43.17
N LEU A 177 -3.78 -6.06 43.92
CA LEU A 177 -3.02 -6.41 45.11
C LEU A 177 -1.54 -6.60 44.78
N ALA A 178 -1.24 -7.16 43.63
CA ALA A 178 0.15 -7.41 43.25
C ALA A 178 0.97 -6.11 43.26
N SER A 179 0.36 -5.01 42.84
CA SER A 179 1.06 -3.73 42.77
C SER A 179 1.22 -3.06 44.13
N SER A 180 0.36 -3.40 45.08
CA SER A 180 0.37 -2.78 46.40
C SER A 180 1.04 -3.63 47.47
N THR A 181 1.13 -4.93 47.25
CA THR A 181 1.72 -5.85 48.22
C THR A 181 3.08 -6.37 47.78
N ASP A 182 3.52 -6.00 46.57
CA ASP A 182 4.92 -6.11 46.21
C ASP A 182 5.72 -5.08 47.01
N GLY A 183 5.05 -4.00 47.43
CA GLY A 183 5.65 -3.03 48.32
C GLY A 183 5.97 -3.62 49.68
N SER A 184 5.16 -4.59 50.09
CA SER A 184 5.35 -5.31 51.35
C SER A 184 6.04 -6.65 51.15
N LEU A 185 6.43 -6.94 49.92
CA LEU A 185 7.20 -8.13 49.55
C LEU A 185 6.50 -9.44 49.89
N GLN A 186 5.18 -9.48 49.73
CA GLN A 186 4.41 -10.66 50.12
C GLN A 186 4.04 -11.64 49.01
N PRO A 187 3.43 -11.20 47.89
CA PRO A 187 2.97 -12.27 47.00
C PRO A 187 4.05 -12.89 46.13
N PHE A 188 5.18 -12.19 45.95
CA PHE A 188 6.27 -12.68 45.12
C PHE A 188 7.64 -12.33 45.69
N GLY A 189 7.68 -11.82 46.91
CA GLY A 189 8.93 -11.38 47.50
C GLY A 189 9.48 -10.16 46.78
N ASP A 190 10.80 -10.10 46.65
CA ASP A 190 11.45 -8.99 45.93
C ASP A 190 11.80 -9.37 44.49
N SER A 191 11.33 -10.54 44.07
CA SER A 191 11.54 -11.02 42.71
C SER A 191 10.99 -10.09 41.61
N PRO A 192 9.81 -9.48 41.78
CA PRO A 192 9.42 -8.54 40.72
C PRO A 192 10.40 -7.39 40.52
N ARG A 193 11.05 -6.97 41.61
CA ARG A 193 12.03 -5.87 41.55
C ARG A 193 13.28 -6.34 40.82
N ARG A 194 13.68 -7.57 41.08
CA ARG A 194 14.84 -8.18 40.41
C ARG A 194 14.58 -8.36 38.92
N LEU A 195 13.39 -8.86 38.59
CA LEU A 195 13.05 -9.15 37.20
C LEU A 195 12.96 -7.89 36.34
N ARG A 196 12.32 -6.85 36.88
CA ARG A 196 12.06 -5.64 36.10
C ARG A 196 13.31 -4.81 35.86
N LEU A 197 14.21 -4.75 36.84
CA LEU A 197 15.40 -3.92 36.73
C LEU A 197 16.47 -4.54 35.83
N GLN A 198 16.71 -5.84 35.95
CA GLN A 198 17.78 -6.48 35.19
C GLN A 198 17.48 -6.52 33.69
N ILE A 199 16.26 -6.87 33.33
CA ILE A 199 15.90 -7.06 31.93
C ILE A 199 15.94 -5.76 31.15
N THR A 200 15.31 -4.71 31.67
CA THR A 200 15.15 -3.46 30.93
C THR A 200 16.50 -2.77 30.70
N ARG A 201 17.32 -2.70 31.75
CA ARG A 201 18.59 -1.98 31.67
C ARG A 201 19.61 -2.72 30.82
N THR A 202 19.50 -4.04 30.77
CA THR A 202 20.34 -4.85 29.88
C THR A 202 19.93 -4.69 28.42
N LEU A 203 18.63 -4.70 28.16
CA LEU A 203 18.12 -4.63 26.79
C LEU A 203 18.40 -3.28 26.13
N VAL A 204 18.32 -2.19 26.88
CA VAL A 204 18.61 -0.87 26.32
C VAL A 204 20.10 -0.72 25.99
N ALA A 205 20.96 -1.39 26.73
CA ALA A 205 22.40 -1.35 26.46
C ALA A 205 22.69 -2.13 25.18
N ALA A 206 22.00 -3.25 24.99
CA ALA A 206 22.16 -4.06 23.79
C ALA A 206 21.52 -3.39 22.57
N ARG A 207 20.35 -2.80 22.75
CA ARG A 207 19.65 -2.12 21.66
C ARG A 207 20.44 -0.92 21.17
N ALA A 208 21.07 -0.19 22.09
CA ALA A 208 21.92 0.93 21.73
C ALA A 208 23.09 0.49 20.87
N PHE A 209 23.59 -0.72 21.11
CA PHE A 209 24.70 -1.28 20.35
C PHE A 209 24.28 -1.62 18.92
N VAL A 210 23.08 -2.18 18.78
CA VAL A 210 22.52 -2.47 17.45
C VAL A 210 22.31 -1.18 16.67
N GLN A 211 21.76 -0.17 17.35
CA GLN A 211 21.51 1.12 16.71
C GLN A 211 22.82 1.79 16.29
N GLY A 212 23.86 1.61 17.08
CA GLY A 212 25.17 2.16 16.76
C GLY A 212 25.75 1.53 15.51
N LEU A 213 25.70 0.21 15.41
CA LEU A 213 26.25 -0.49 14.25
C LEU A 213 25.52 -0.09 12.97
N GLU A 214 24.21 0.07 13.04
CA GLU A 214 23.43 0.53 11.90
C GLU A 214 23.74 1.98 11.54
N THR A 215 23.99 2.81 12.54
CA THR A 215 24.38 4.20 12.30
C THR A 215 25.67 4.21 11.50
N GLY A 216 26.64 3.39 11.91
CA GLY A 216 27.91 3.32 11.20
C GLY A 216 27.74 2.80 9.78
N ARG A 217 26.92 1.78 9.62
CA ARG A 217 26.70 1.18 8.30
C ARG A 217 26.15 2.20 7.32
N ASN A 218 25.20 3.02 7.76
CA ASN A 218 24.59 4.04 6.91
C ASN A 218 25.47 5.26 6.73
N VAL A 219 26.37 5.52 7.67
CA VAL A 219 27.34 6.61 7.53
C VAL A 219 28.35 6.28 6.44
N VAL A 220 28.87 5.05 6.45
CA VAL A 220 29.89 4.64 5.48
C VAL A 220 29.28 4.44 4.10
N SER A 221 28.06 3.91 4.04
CA SER A 221 27.42 3.64 2.76
C SER A 221 27.19 4.92 1.95
N GLU A 222 26.92 6.04 2.63
CA GLU A 222 26.71 7.31 1.95
C GLU A 222 28.00 8.13 1.83
N ALA A 223 29.02 7.76 2.60
CA ALA A 223 30.33 8.40 2.49
C ALA A 223 30.96 8.07 1.13
N LEU A 224 30.61 6.92 0.59
CA LEU A 224 31.10 6.48 -0.71
C LEU A 224 30.30 7.10 -1.85
N LYS A 225 29.21 7.77 -1.50
CA LYS A 225 28.38 8.48 -2.47
C LYS A 225 28.80 9.94 -2.58
N VAL A 226 29.86 10.31 -1.88
CA VAL A 226 30.48 11.63 -2.01
C VAL A 226 31.22 11.64 -3.34
N PRO A 227 30.88 12.58 -4.23
CA PRO A 227 31.51 12.50 -5.56
C PRO A 227 32.98 12.94 -5.60
N VAL A 228 33.70 12.42 -6.59
CA VAL A 228 35.07 12.86 -6.86
C VAL A 228 35.00 14.18 -7.62
N SER A 229 35.65 15.21 -7.09
CA SER A 229 35.61 16.54 -7.69
C SER A 229 36.40 16.61 -8.99
N GLU A 230 36.04 17.57 -9.85
CA GLU A 230 36.77 17.78 -11.10
C GLU A 230 38.21 18.24 -10.84
N GLY A 231 38.44 18.92 -9.72
CA GLY A 231 39.78 19.32 -9.36
C GLY A 231 40.64 18.12 -9.01
N CYS A 232 40.03 17.10 -8.43
CA CYS A 232 40.72 15.85 -8.13
C CYS A 232 41.08 15.15 -9.44
N SER A 233 40.16 15.10 -10.38
CA SER A 233 40.41 14.43 -11.65
C SER A 233 41.55 15.09 -12.42
N GLN A 234 41.69 16.40 -12.26
CA GLN A 234 42.78 17.14 -12.88
C GLN A 234 44.09 16.95 -12.11
N ALA A 235 44.02 16.90 -10.79
CA ALA A 235 45.19 16.64 -9.95
C ALA A 235 45.71 15.22 -10.18
N LEU A 236 44.80 14.28 -10.38
CA LEU A 236 45.14 12.89 -10.71
C LEU A 236 45.79 12.81 -12.10
N MET A 237 45.36 13.65 -13.02
CA MET A 237 46.00 13.73 -14.34
C MET A 237 47.43 14.24 -14.18
N ARG A 238 47.65 15.22 -13.31
CA ARG A 238 48.99 15.72 -13.02
C ARG A 238 49.82 14.66 -12.33
N LEU A 239 49.16 13.82 -11.53
CA LEU A 239 49.81 12.75 -10.78
C LEU A 239 50.41 11.65 -11.68
N ILE A 240 49.67 11.24 -12.70
CA ILE A 240 50.06 10.08 -13.50
C ILE A 240 50.06 10.31 -15.01
N GLY A 241 49.02 10.95 -15.54
CA GLY A 241 48.85 11.06 -16.98
C GLY A 241 49.71 12.07 -17.71
N CYS A 242 50.15 13.11 -17.03
CA CYS A 242 50.95 14.16 -17.67
C CYS A 242 52.35 13.77 -18.16
N PRO A 243 53.15 13.03 -17.39
CA PRO A 243 54.45 12.73 -17.99
C PRO A 243 54.34 11.78 -19.19
N LEU A 244 53.28 10.99 -19.21
CA LEU A 244 52.98 10.09 -20.32
C LEU A 244 52.65 10.89 -21.58
N CYS A 245 51.91 11.97 -21.43
CA CYS A 245 51.62 12.87 -22.54
C CYS A 245 52.84 13.66 -23.00
N ARG A 246 53.90 13.68 -22.20
CA ARG A 246 55.15 14.33 -22.58
C ARG A 246 56.12 13.33 -23.22
N GLY A 247 55.69 12.08 -23.35
CA GLY A 247 56.50 11.06 -23.98
C GLY A 247 57.52 10.43 -23.06
N VAL A 248 57.33 10.56 -21.75
CA VAL A 248 58.23 9.97 -20.77
C VAL A 248 57.43 9.13 -19.79
N PRO A 249 57.17 7.85 -20.11
CA PRO A 249 56.35 7.04 -19.21
C PRO A 249 57.06 6.54 -17.95
N SER A 250 58.36 6.79 -17.85
CA SER A 250 59.17 6.30 -16.74
C SER A 250 59.04 7.12 -15.45
N LEU A 251 58.47 8.32 -15.55
CA LEU A 251 58.37 9.22 -14.40
C LEU A 251 57.07 8.99 -13.64
N MET A 252 57.20 8.67 -12.36
CA MET A 252 56.09 8.25 -11.52
C MET A 252 56.12 9.01 -10.19
N PRO A 253 54.95 9.22 -9.56
CA PRO A 253 54.86 10.36 -8.63
C PRO A 253 55.55 10.18 -7.28
N CYS A 254 56.01 11.30 -6.72
CA CYS A 254 56.56 11.32 -5.37
C CYS A 254 55.42 11.05 -4.39
N GLN A 255 55.69 10.30 -3.32
CA GLN A 255 54.64 9.95 -2.37
C GLN A 255 54.07 11.19 -1.67
N GLY A 256 54.90 12.19 -1.39
CA GLY A 256 54.43 13.41 -0.77
C GLY A 256 53.51 14.22 -1.66
N PHE A 257 53.81 14.23 -2.96
CA PHE A 257 52.95 14.91 -3.93
C PHE A 257 51.62 14.17 -4.00
N CYS A 258 51.70 12.85 -4.05
CA CYS A 258 50.50 12.00 -4.12
C CYS A 258 49.59 12.21 -2.91
N LEU A 259 50.17 12.23 -1.71
CA LEU A 259 49.37 12.29 -0.49
C LEU A 259 48.54 13.57 -0.46
N ASN A 260 49.14 14.69 -0.84
CA ASN A 260 48.39 15.94 -0.89
C ASN A 260 47.24 15.86 -1.91
N VAL A 261 47.50 15.29 -3.08
CA VAL A 261 46.45 15.14 -4.08
C VAL A 261 45.30 14.29 -3.53
N VAL A 262 45.62 13.13 -2.97
CA VAL A 262 44.60 12.18 -2.52
C VAL A 262 43.83 12.70 -1.30
N ARG A 263 44.50 13.37 -0.38
CA ARG A 263 43.84 13.93 0.79
C ARG A 263 42.84 15.01 0.39
N GLY A 264 43.15 15.76 -0.65
CA GLY A 264 42.23 16.75 -1.17
C GLY A 264 41.04 16.12 -1.87
N CYS A 265 41.24 14.94 -2.46
CA CYS A 265 40.18 14.22 -3.14
C CYS A 265 39.15 13.62 -2.18
N LEU A 266 39.52 13.47 -0.91
CA LEU A 266 38.69 12.79 0.07
C LEU A 266 38.07 13.77 1.06
N SER A 267 37.00 14.44 0.64
CA SER A 267 36.26 15.36 1.49
C SER A 267 35.40 14.64 2.52
N SER A 268 35.20 13.33 2.31
CA SER A 268 34.41 12.50 3.20
C SER A 268 35.08 12.30 4.55
N ARG A 269 36.35 12.69 4.65
CA ARG A 269 37.10 12.65 5.89
C ARG A 269 36.60 13.64 6.95
N GLY A 270 35.59 14.42 6.61
CA GLY A 270 34.91 15.24 7.61
C GLY A 270 34.14 14.40 8.62
N LEU A 271 33.95 13.12 8.32
CA LEU A 271 33.32 12.18 9.23
C LEU A 271 34.28 11.65 10.28
N GLU A 272 35.58 11.78 10.00
CA GLU A 272 36.64 11.19 10.82
C GLU A 272 36.71 11.60 12.29
N PRO A 273 36.58 12.90 12.63
CA PRO A 273 36.74 13.18 14.07
C PRO A 273 35.61 12.69 14.95
N ASP A 274 34.44 12.43 14.36
CA ASP A 274 33.31 11.89 15.10
C ASP A 274 33.22 10.37 14.93
N TRP A 275 33.90 9.84 13.93
CA TRP A 275 34.01 8.40 13.72
C TRP A 275 34.72 7.74 14.89
N GLY A 276 35.74 8.40 15.42
CA GLY A 276 36.47 7.88 16.56
C GLY A 276 35.65 7.89 17.84
N ASN A 277 34.94 8.98 18.07
CA ASN A 277 34.07 9.11 19.23
C ASN A 277 32.89 8.16 19.15
N TYR A 278 32.39 7.94 17.94
CA TYR A 278 31.30 7.01 17.69
C TYR A 278 31.71 5.57 17.97
N LEU A 279 32.91 5.18 17.53
CA LEU A 279 33.40 3.84 17.77
C LEU A 279 33.75 3.64 19.24
N ASP A 280 34.20 4.69 19.90
CA ASP A 280 34.46 4.63 21.34
C ASP A 280 33.17 4.36 22.10
N GLY A 281 32.07 4.94 21.63
CA GLY A 281 30.77 4.67 22.22
C GLY A 281 30.36 3.22 22.08
N LEU A 282 30.67 2.60 20.94
CA LEU A 282 30.40 1.18 20.73
C LEU A 282 31.33 0.33 21.59
N LEU A 283 32.60 0.68 21.65
CA LEU A 283 33.61 -0.10 22.35
C LEU A 283 33.40 -0.13 23.86
N ILE A 284 33.07 1.01 24.44
CA ILE A 284 32.78 1.09 25.87
C ILE A 284 31.54 0.25 26.17
N LEU A 285 30.54 0.36 25.29
CA LEU A 285 29.28 -0.38 25.45
C LEU A 285 29.48 -1.88 25.30
N ALA A 286 30.37 -2.29 24.39
CA ALA A 286 30.68 -3.69 24.18
C ALA A 286 31.27 -4.34 25.43
N ASP A 287 32.11 -3.60 26.15
CA ASP A 287 32.74 -4.10 27.37
C ASP A 287 31.70 -4.31 28.48
N LYS A 288 30.69 -3.44 28.51
CA LYS A 288 29.62 -3.52 29.51
C LYS A 288 28.73 -4.73 29.29
N LEU A 289 28.59 -5.15 28.04
CA LEU A 289 27.74 -6.28 27.67
C LEU A 289 28.41 -7.63 27.94
N GLN A 290 29.66 -7.62 28.38
CA GLN A 290 30.38 -8.85 28.70
C GLN A 290 29.97 -9.45 30.04
N GLY A 291 29.53 -8.62 30.97
CA GLY A 291 29.24 -9.08 32.31
C GLY A 291 28.00 -8.48 32.96
N PRO A 292 28.04 -7.24 33.45
CA PRO A 292 26.88 -6.74 34.20
C PRO A 292 25.62 -6.51 33.37
N PHE A 293 25.80 -6.33 32.07
CA PHE A 293 24.69 -6.19 31.14
C PHE A 293 24.81 -7.27 30.05
N SER A 294 25.25 -8.45 30.44
CA SER A 294 25.32 -9.59 29.54
C SER A 294 23.90 -10.14 29.34
N PHE A 295 23.38 -10.01 28.14
CA PHE A 295 22.02 -10.47 27.85
C PHE A 295 21.89 -11.99 27.92
N GLU A 296 22.94 -12.71 27.55
CA GLU A 296 22.86 -14.16 27.55
C GLU A 296 22.73 -14.71 28.97
N LEU A 297 23.35 -14.02 29.92
CA LEU A 297 23.16 -14.32 31.34
C LEU A 297 21.77 -13.89 31.78
N THR A 298 21.34 -12.71 31.34
CA THR A 298 20.04 -12.18 31.70
C THR A 298 18.91 -13.11 31.23
N ALA A 299 19.04 -13.65 30.02
CA ALA A 299 18.01 -14.51 29.45
C ALA A 299 17.73 -15.74 30.30
N GLU A 300 18.78 -16.39 30.81
CA GLU A 300 18.62 -17.57 31.65
C GLU A 300 18.15 -17.19 33.05
N SER A 301 18.59 -16.03 33.53
CA SER A 301 18.24 -15.56 34.87
C SER A 301 16.77 -15.19 34.99
N ILE A 302 16.10 -14.98 33.86
CA ILE A 302 14.66 -14.74 33.84
C ILE A 302 13.96 -15.93 34.49
N GLY A 303 14.42 -17.13 34.17
CA GLY A 303 13.81 -18.32 34.74
C GLY A 303 13.91 -18.38 36.26
N VAL A 304 15.08 -18.04 36.77
CA VAL A 304 15.33 -18.09 38.21
C VAL A 304 14.57 -16.97 38.92
N LYS A 305 14.58 -15.77 38.35
CA LYS A 305 13.90 -14.63 38.96
C LYS A 305 12.39 -14.83 39.00
N ILE A 306 11.83 -15.51 38.00
CA ILE A 306 10.41 -15.84 38.03
C ILE A 306 10.15 -17.01 38.97
N SER A 307 11.00 -18.03 38.96
CA SER A 307 10.80 -19.19 39.83
C SER A 307 10.86 -18.80 41.30
N GLU A 308 11.75 -17.88 41.67
CA GLU A 308 11.84 -17.39 43.03
C GLU A 308 10.54 -16.70 43.46
N GLY A 309 9.97 -15.91 42.56
CA GLY A 309 8.75 -15.20 42.87
C GLY A 309 7.57 -16.15 43.06
N LEU A 310 7.54 -17.20 42.26
CA LEU A 310 6.48 -18.20 42.36
C LEU A 310 6.67 -19.10 43.58
N MET A 311 7.91 -19.24 44.05
CA MET A 311 8.16 -19.94 45.31
C MET A 311 7.73 -19.09 46.51
N TYR A 312 7.95 -17.78 46.44
CA TYR A 312 7.46 -16.88 47.48
C TYR A 312 5.94 -16.83 47.49
N LEU A 313 5.32 -16.99 46.33
CA LEU A 313 3.86 -17.02 46.24
C LEU A 313 3.28 -18.21 47.01
N GLN A 314 3.92 -19.37 46.88
CA GLN A 314 3.46 -20.57 47.57
C GLN A 314 3.80 -20.52 49.06
N GLU A 315 4.96 -19.98 49.38
CA GLU A 315 5.40 -19.86 50.78
C GLU A 315 4.52 -18.89 51.56
N ASN A 316 4.19 -17.77 50.94
CA ASN A 316 3.43 -16.71 51.58
C ASN A 316 1.94 -16.79 51.26
N SER A 317 1.48 -17.93 50.75
CA SER A 317 0.08 -18.08 50.36
C SER A 317 -0.88 -17.80 51.51
N ALA A 318 -0.52 -18.23 52.71
CA ALA A 318 -1.33 -17.97 53.89
C ALA A 318 -1.39 -16.49 54.24
N LYS A 319 -0.30 -15.78 53.99
CA LYS A 319 -0.18 -14.35 54.29
C LYS A 319 -0.95 -13.54 53.26
N VAL A 320 -0.88 -13.98 52.01
CA VAL A 320 -1.64 -13.35 50.92
C VAL A 320 -3.13 -13.59 51.15
N SER A 321 -3.50 -14.80 51.54
CA SER A 321 -4.90 -15.11 51.84
C SER A 321 -5.48 -14.20 52.91
N ALA A 322 -4.67 -13.87 53.90
CA ALA A 322 -5.08 -12.95 54.96
C ALA A 322 -5.45 -11.56 54.41
N GLN A 323 -4.82 -11.18 53.30
CA GLN A 323 -5.09 -9.89 52.67
C GLN A 323 -6.25 -9.98 51.68
N VAL A 324 -6.29 -11.06 50.90
CA VAL A 324 -7.32 -11.26 49.89
C VAL A 324 -8.70 -11.32 50.51
N PHE A 325 -8.83 -12.02 51.63
CA PHE A 325 -10.13 -12.23 52.25
C PHE A 325 -10.37 -11.25 53.40
N GLN A 326 -9.78 -10.06 53.27
CA GLN A 326 -10.21 -8.89 54.02
C GLN A 326 -10.33 -7.67 53.12
N GLU A 327 -9.37 -7.47 52.22
CA GLU A 327 -9.37 -6.31 51.33
C GLU A 327 -10.36 -6.45 50.17
N CYS A 328 -10.44 -7.64 49.60
CA CYS A 328 -11.31 -7.88 48.46
C CYS A 328 -12.75 -8.18 48.89
N GLY A 329 -12.90 -8.53 50.16
CA GLY A 329 -14.19 -8.88 50.73
C GLY A 329 -14.05 -9.89 51.84
N PRO A 330 -15.14 -10.35 52.46
CA PRO A 330 -14.99 -11.33 53.54
C PRO A 330 -14.63 -12.74 53.04
N PRO A 331 -14.13 -13.61 53.92
CA PRO A 331 -13.90 -14.98 53.44
C PRO A 331 -15.17 -15.69 52.97
N ASP A 332 -15.00 -16.57 51.98
CA ASP A 332 -16.07 -17.46 51.55
C ASP A 332 -16.09 -18.65 52.52
N PRO A 333 -17.27 -19.07 52.99
CA PRO A 333 -17.23 -20.36 53.67
C PRO A 333 -16.74 -21.49 52.76
N VAL A 334 -15.92 -22.38 53.30
CA VAL A 334 -15.33 -23.46 52.51
C VAL A 334 -15.42 -24.81 53.22
N PRO A 335 -15.45 -25.92 52.47
CA PRO A 335 -15.46 -27.24 53.12
C PRO A 335 -14.07 -27.69 53.58
N ALA A 336 -13.47 -26.89 54.45
CA ALA A 336 -12.16 -27.21 55.01
C ALA A 336 -12.23 -28.45 55.89
N ARG A 337 -11.13 -29.20 55.96
CA ARG A 337 -11.06 -30.41 56.80
C ARG A 337 -9.85 -30.33 57.72
N ASN A 338 -10.01 -30.88 58.92
CA ASN A 338 -8.98 -30.86 59.95
C ASN A 338 -8.32 -32.23 60.09
N ARG A 339 -7.63 -32.45 61.19
CA ARG A 339 -6.88 -33.67 61.50
C ARG A 339 -5.68 -33.90 60.58
N ARG A 340 -5.91 -34.25 59.32
CA ARG A 340 -4.83 -34.52 58.37
C ARG A 340 -5.30 -34.30 56.94
N ALA A 341 -4.45 -33.70 56.11
CA ALA A 341 -4.74 -33.53 54.69
C ALA A 341 -4.59 -34.89 53.99
N PRO A 342 -5.34 -35.13 52.90
CA PRO A 342 -5.11 -36.39 52.21
C PRO A 342 -3.70 -36.51 51.63
N PRO A 343 -3.18 -37.74 51.46
CA PRO A 343 -1.88 -37.83 50.78
C PRO A 343 -1.92 -37.30 49.35
N PRO A 344 -0.79 -36.83 48.81
CA PRO A 344 -0.84 -36.35 47.42
C PRO A 344 -1.01 -37.48 46.41
N ARG A 345 -1.65 -37.17 45.28
CA ARG A 345 -1.82 -38.15 44.21
C ARG A 345 -0.54 -38.29 43.41
N GLU A 346 -0.17 -39.53 43.11
CA GLU A 346 1.00 -39.83 42.27
C GLU A 346 0.53 -40.17 40.87
N GLU A 347 1.44 -40.12 39.90
CA GLU A 347 1.10 -40.42 38.51
C GLU A 347 1.82 -41.68 38.04
N ALA A 348 1.12 -42.49 37.25
CA ALA A 348 1.71 -43.72 36.72
C ALA A 348 2.82 -43.46 35.72
N GLY A 349 2.79 -42.30 35.06
CA GLY A 349 3.85 -41.91 34.16
C GLY A 349 4.99 -41.29 34.96
N ARG A 350 6.22 -41.70 34.67
CA ARG A 350 7.38 -41.20 35.42
C ARG A 350 7.46 -39.68 35.29
N LEU A 351 7.51 -39.02 36.44
CA LEU A 351 7.60 -37.56 36.50
C LEU A 351 9.07 -37.16 36.59
N TRP A 352 9.37 -35.95 36.11
CA TRP A 352 10.73 -35.45 36.03
C TRP A 352 10.82 -34.09 36.71
N SER A 353 12.04 -33.63 37.01
CA SER A 353 12.24 -32.31 37.59
C SER A 353 13.58 -31.74 37.16
N MET A 354 13.73 -30.43 37.25
CA MET A 354 14.97 -29.74 36.87
C MET A 354 15.10 -28.43 37.63
N VAL A 355 16.33 -27.91 37.69
CA VAL A 355 16.62 -26.66 38.41
C VAL A 355 17.50 -25.80 37.51
N THR A 356 17.20 -24.50 37.44
CA THR A 356 18.03 -23.56 36.70
C THR A 356 18.75 -22.63 37.68
N GLU A 357 19.87 -22.06 37.25
CA GLU A 357 20.68 -21.19 38.09
C GLU A 357 21.11 -19.98 37.27
N GLU A 358 21.50 -18.90 37.94
CA GLU A 358 21.91 -17.66 37.27
C GLU A 358 23.39 -17.71 36.90
N GLU A 359 23.72 -18.70 36.06
CA GLU A 359 25.10 -18.91 35.61
C GLU A 359 25.26 -18.47 34.16
N ARG A 360 26.42 -17.91 33.83
CA ARG A 360 26.70 -17.47 32.46
C ARG A 360 26.76 -18.69 31.55
N PRO A 361 26.41 -18.53 30.26
CA PRO A 361 26.49 -19.71 29.39
C PRO A 361 27.89 -20.33 29.36
N THR A 362 27.94 -21.65 29.15
CA THR A 362 29.18 -22.41 29.27
C THR A 362 29.56 -23.07 27.95
N THR A 363 30.79 -23.56 27.88
CA THR A 363 31.31 -24.30 26.73
C THR A 363 31.13 -23.52 25.43
N ALA A 364 30.43 -24.07 24.44
CA ALA A 364 30.31 -23.41 23.14
C ALA A 364 29.56 -22.08 23.23
N ALA A 365 28.52 -22.01 24.05
CA ALA A 365 27.74 -20.78 24.17
C ALA A 365 28.56 -19.69 24.85
N GLY A 366 29.29 -20.05 25.90
CA GLY A 366 30.11 -19.09 26.61
C GLY A 366 31.29 -18.60 25.79
N THR A 367 31.94 -19.51 25.08
CA THR A 367 33.09 -19.15 24.24
C THR A 367 32.66 -18.39 22.99
N ASN A 368 31.44 -18.62 22.50
CA ASN A 368 30.93 -17.85 21.37
C ASN A 368 30.65 -16.41 21.78
N LEU A 369 30.15 -16.21 22.98
CA LEU A 369 29.96 -14.86 23.52
C LEU A 369 31.29 -14.17 23.70
N HIS A 370 32.26 -14.90 24.25
CA HIS A 370 33.60 -14.36 24.47
C HIS A 370 34.26 -13.96 23.16
N ARG A 371 34.10 -14.80 22.13
CA ARG A 371 34.65 -14.50 20.80
C ARG A 371 33.87 -13.38 20.12
N LEU A 372 32.56 -13.32 20.33
CA LEU A 372 31.73 -12.26 19.76
C LEU A 372 32.21 -10.90 20.22
N VAL A 373 32.49 -10.75 21.51
CA VAL A 373 32.90 -9.46 22.05
C VAL A 373 34.36 -9.15 21.76
N TRP A 374 35.14 -10.18 21.43
CA TRP A 374 36.52 -10.00 20.99
C TRP A 374 36.54 -9.49 19.55
N GLU A 375 35.75 -10.12 18.69
CA GLU A 375 35.67 -9.73 17.28
C GLU A 375 35.07 -8.33 17.15
N LEU A 376 34.08 -8.02 17.98
CA LEU A 376 33.47 -6.69 17.95
C LEU A 376 34.47 -5.64 18.42
N ARG A 377 35.27 -5.94 19.43
CA ARG A 377 36.17 -4.96 20.01
C ARG A 377 37.37 -4.68 19.12
N GLU A 378 37.99 -5.73 18.59
CA GLU A 378 39.21 -5.57 17.80
C GLU A 378 38.93 -5.01 16.40
N ARG A 379 37.87 -5.50 15.76
CA ARG A 379 37.59 -5.10 14.39
C ARG A 379 37.12 -3.65 14.32
N LEU A 380 36.34 -3.22 15.30
CA LEU A 380 35.88 -1.83 15.34
C LEU A 380 37.05 -0.89 15.60
N ALA A 381 37.93 -1.27 16.52
CA ALA A 381 39.07 -0.42 16.89
C ALA A 381 40.04 -0.22 15.73
N ARG A 382 40.33 -1.29 14.99
CA ARG A 382 41.28 -1.23 13.88
C ARG A 382 40.79 -0.37 12.72
N MET A 383 39.48 -0.35 12.50
CA MET A 383 38.88 0.42 11.40
C MET A 383 38.63 1.88 11.79
N ARG A 384 39.07 2.28 12.98
CA ARG A 384 38.98 3.67 13.41
C ARG A 384 39.77 4.60 12.49
N GLY A 385 40.95 4.15 12.07
CA GLY A 385 41.80 4.92 11.19
C GLY A 385 41.50 4.76 9.72
N PHE A 386 40.32 4.24 9.38
CA PHE A 386 39.96 3.97 7.99
C PHE A 386 40.09 5.20 7.09
N TRP A 387 39.63 6.35 7.54
CA TRP A 387 39.61 7.54 6.70
C TRP A 387 41.02 8.03 6.36
N ALA A 388 41.95 7.82 7.27
CA ALA A 388 43.36 8.15 7.04
C ALA A 388 44.04 7.10 6.16
N ARG A 389 43.65 5.84 6.36
CA ARG A 389 44.19 4.73 5.58
C ARG A 389 43.83 4.84 4.10
N LEU A 390 42.69 5.44 3.80
CA LEU A 390 42.30 5.69 2.42
C LEU A 390 43.35 6.53 1.69
N SER A 391 43.89 7.54 2.38
CA SER A 391 44.89 8.42 1.79
C SER A 391 46.24 7.72 1.63
N LEU A 392 46.56 6.86 2.60
CA LEU A 392 47.84 6.16 2.62
C LEU A 392 47.90 5.01 1.62
N THR A 393 46.79 4.31 1.43
CA THR A 393 46.74 3.14 0.56
C THR A 393 46.97 3.50 -0.91
N VAL A 394 46.31 4.56 -1.39
CA VAL A 394 46.41 4.94 -2.79
C VAL A 394 47.84 5.34 -3.13
N CYS A 395 48.50 6.04 -2.21
CA CYS A 395 49.86 6.52 -2.46
C CYS A 395 50.94 5.51 -2.07
N GLY A 396 50.57 4.51 -1.27
CA GLY A 396 51.45 3.37 -1.05
C GLY A 396 51.50 2.51 -2.31
N ASP A 397 50.37 2.41 -3.00
CA ASP A 397 50.30 1.67 -4.25
C ASP A 397 51.10 2.39 -5.34
N SER A 398 51.06 3.72 -5.33
CA SER A 398 51.79 4.51 -6.30
C SER A 398 53.30 4.48 -6.04
N ARG A 399 53.69 4.27 -4.78
CA ARG A 399 55.09 4.11 -4.43
C ARG A 399 55.62 2.80 -5.01
N MET A 400 54.81 1.75 -4.92
CA MET A 400 55.23 0.41 -5.35
C MET A 400 55.30 0.28 -6.87
N ALA A 401 54.67 1.20 -7.59
CA ALA A 401 54.85 1.28 -9.03
C ALA A 401 56.31 1.58 -9.37
N ALA A 402 56.99 2.29 -8.47
CA ALA A 402 58.40 2.65 -8.64
C ALA A 402 59.24 2.08 -7.49
N ASP A 403 58.92 0.85 -7.08
CA ASP A 403 59.60 0.21 -5.94
C ASP A 403 61.10 -0.02 -6.17
N ALA A 404 61.51 -0.04 -7.43
CA ALA A 404 62.93 -0.18 -7.78
C ALA A 404 63.73 1.10 -7.51
N SER A 405 63.04 2.16 -7.10
CA SER A 405 63.66 3.45 -6.84
C SER A 405 63.17 4.03 -5.51
N LEU A 406 63.81 5.11 -5.08
CA LEU A 406 63.41 5.83 -3.87
C LEU A 406 63.13 7.28 -4.24
N GLU A 407 62.41 8.01 -3.40
CA GLU A 407 62.17 9.43 -3.62
C GLU A 407 63.44 10.25 -3.46
N ALA A 408 64.51 9.62 -2.97
CA ALA A 408 65.84 10.20 -3.01
C ALA A 408 66.28 10.40 -4.45
N ALA A 409 65.79 9.55 -5.34
CA ALA A 409 65.98 9.70 -6.78
C ALA A 409 64.83 10.53 -7.34
N PRO A 410 65.03 11.25 -8.45
CA PRO A 410 63.91 12.09 -8.90
C PRO A 410 62.61 11.32 -9.18
N CYS A 411 61.51 11.91 -8.75
CA CYS A 411 60.17 11.37 -8.94
C CYS A 411 59.28 12.49 -9.47
N TRP A 412 58.10 12.15 -10.00
CA TRP A 412 57.24 13.13 -10.64
C TRP A 412 56.50 14.00 -9.62
N THR A 413 56.51 15.30 -9.85
CA THR A 413 55.96 16.30 -8.92
C THR A 413 54.81 17.08 -9.53
N GLY A 414 54.11 16.47 -10.49
CA GLY A 414 52.94 17.06 -11.09
C GLY A 414 53.20 17.78 -12.40
N ALA A 415 54.16 18.69 -12.38
CA ALA A 415 54.54 19.45 -13.56
C ALA A 415 56.01 19.25 -13.96
N GLY A 416 56.74 18.48 -13.14
CA GLY A 416 58.16 18.27 -13.38
C GLY A 416 58.68 17.12 -12.52
N ARG A 417 60.00 16.99 -12.41
CA ARG A 417 60.59 15.91 -11.63
C ARG A 417 61.67 16.42 -10.67
N GLY A 418 61.88 15.66 -9.60
CA GLY A 418 62.80 16.03 -8.55
C GLY A 418 62.33 15.33 -7.29
N ARG A 419 62.68 15.83 -6.11
CA ARG A 419 62.13 15.30 -4.86
C ARG A 419 61.13 16.30 -4.30
N TYR A 420 59.93 15.83 -4.00
CA TYR A 420 58.89 16.68 -3.45
C TYR A 420 59.26 17.12 -2.03
N LEU A 421 59.17 18.42 -1.78
CA LEU A 421 59.51 19.01 -0.50
C LEU A 421 58.42 19.79 0.25
N PRO A 422 57.44 20.41 -0.43
CA PRO A 422 56.40 21.02 0.41
C PRO A 422 55.71 20.06 1.36
N PRO A 423 55.12 20.57 2.45
CA PRO A 423 54.54 19.64 3.43
C PRO A 423 53.29 18.91 2.98
N VAL A 424 52.98 17.82 3.67
CA VAL A 424 51.76 17.05 3.45
C VAL A 424 50.77 17.40 4.56
N VAL A 425 49.59 17.88 4.17
CA VAL A 425 48.55 18.27 5.11
C VAL A 425 47.91 17.05 5.80
N GLY A 426 47.23 17.31 6.92
CA GLY A 426 46.62 16.24 7.68
C GLY A 426 45.30 15.73 7.14
N GLY A 427 44.34 15.50 8.03
CA GLY A 427 43.04 14.97 7.66
C GLY A 427 41.91 15.97 7.82
N SER A 428 40.69 15.50 7.54
CA SER A 428 39.49 16.35 7.54
C SER A 428 39.59 17.46 6.50
N PRO A 429 38.46 18.03 6.05
CA PRO A 429 38.61 19.07 5.03
C PRO A 429 39.26 20.37 5.52
N ALA A 430 39.30 20.56 6.82
CA ALA A 430 39.91 21.76 7.41
C ALA A 430 41.39 21.89 7.05
N GLU A 431 42.10 20.78 7.02
CA GLU A 431 43.52 20.79 6.67
C GLU A 431 43.72 20.88 5.16
N GLN A 432 42.70 20.56 4.38
CA GLN A 432 42.79 20.60 2.93
C GLN A 432 42.67 22.02 2.40
N VAL A 433 42.35 22.96 3.28
CA VAL A 433 42.39 24.39 2.98
C VAL A 433 43.84 24.80 2.77
N ASN A 434 44.76 24.10 3.45
CA ASN A 434 46.19 24.39 3.39
C ASN A 434 46.91 23.49 2.39
N ASN A 435 46.16 22.75 1.59
CA ASN A 435 46.73 21.75 0.70
C ASN A 435 47.46 22.42 -0.47
N PRO A 436 48.76 22.14 -0.63
CA PRO A 436 49.49 22.84 -1.70
C PRO A 436 49.27 22.31 -3.12
N GLU A 437 48.67 21.15 -3.28
CA GLU A 437 48.47 20.56 -4.60
C GLU A 437 47.01 20.47 -5.02
N LEU A 438 46.12 20.26 -4.05
CA LEU A 438 44.68 20.25 -4.31
C LEU A 438 43.92 20.91 -3.15
N LYS A 439 43.81 22.23 -3.21
CA LYS A 439 43.13 23.00 -2.17
C LYS A 439 41.62 22.80 -2.20
N VAL A 440 41.04 22.57 -1.02
CA VAL A 440 39.60 22.38 -0.87
C VAL A 440 39.10 23.31 0.23
N ASP A 441 38.07 24.09 -0.07
CA ASP A 441 37.48 24.98 0.93
C ASP A 441 36.57 24.20 1.87
N ALA A 442 36.94 24.16 3.15
CA ALA A 442 36.21 23.41 4.16
C ALA A 442 34.84 24.00 4.53
N SER A 443 34.51 25.15 3.95
CA SER A 443 33.24 25.81 4.20
C SER A 443 32.05 25.08 3.57
N GLY A 444 32.32 24.24 2.58
CA GLY A 444 31.27 23.51 1.89
C GLY A 444 31.40 22.00 1.88
N PRO A 445 31.43 21.31 3.04
CA PRO A 445 31.53 19.85 2.93
C PRO A 445 30.30 19.22 2.26
N ASP A 446 30.50 18.06 1.64
CA ASP A 446 29.45 17.41 0.87
C ASP A 446 28.27 16.97 1.76
N VAL A 447 27.09 16.89 1.16
CA VAL A 447 25.87 16.60 1.89
C VAL A 447 25.92 15.32 2.74
N PRO A 448 26.38 14.18 2.19
CA PRO A 448 26.43 13.05 3.12
C PRO A 448 27.34 13.29 4.32
N THR A 449 28.43 14.01 4.11
CA THR A 449 29.38 14.31 5.17
C THR A 449 28.72 15.19 6.24
N ARG A 450 27.97 16.19 5.81
CA ARG A 450 27.32 17.10 6.75
C ARG A 450 26.25 16.39 7.58
N ARG A 451 25.40 15.62 6.90
CA ARG A 451 24.27 14.96 7.57
C ARG A 451 24.68 13.80 8.46
N ARG A 452 25.60 12.97 7.99
CA ARG A 452 25.99 11.76 8.71
C ARG A 452 26.97 12.03 9.84
N ARG A 453 27.72 13.12 9.78
CA ARG A 453 28.55 13.56 10.90
C ARG A 453 27.70 13.80 12.15
N LEU A 454 26.50 14.34 11.94
CA LEU A 454 25.56 14.58 13.04
C LEU A 454 25.08 13.27 13.67
N GLN A 455 24.85 12.26 12.83
CA GLN A 455 24.34 10.98 13.29
C GLN A 455 25.36 10.26 14.17
N LEU A 456 26.64 10.39 13.84
CA LEU A 456 27.71 9.77 14.61
C LEU A 456 27.73 10.28 16.04
N ARG A 457 27.50 11.58 16.21
CA ARG A 457 27.49 12.19 17.55
C ARG A 457 26.26 11.81 18.35
N ALA A 458 25.10 11.75 17.69
CA ALA A 458 23.87 11.35 18.37
C ALA A 458 24.00 9.91 18.88
N ALA A 459 24.60 9.04 18.07
CA ALA A 459 24.83 7.66 18.47
C ALA A 459 25.85 7.59 19.60
N THR A 460 26.91 8.41 19.53
CA THR A 460 27.92 8.46 20.58
C THR A 460 27.31 8.75 21.94
N ALA A 461 26.47 9.78 22.00
CA ALA A 461 25.88 10.21 23.27
C ALA A 461 25.00 9.12 23.85
N ARG A 462 24.16 8.52 23.02
CA ARG A 462 23.23 7.49 23.48
C ARG A 462 23.94 6.24 23.94
N MET A 463 24.96 5.80 23.21
CA MET A 463 25.67 4.57 23.55
C MET A 463 26.49 4.69 24.83
N LYS A 464 27.13 5.83 25.05
CA LYS A 464 27.91 6.03 26.27
C LYS A 464 27.00 6.17 27.49
N THR A 465 25.84 6.79 27.29
CA THR A 465 24.86 6.92 28.37
C THR A 465 24.24 5.57 28.69
N ALA A 466 23.90 4.80 27.66
CA ALA A 466 23.33 3.46 27.83
C ALA A 466 24.34 2.46 28.39
N ALA A 467 25.63 2.76 28.25
CA ALA A 467 26.69 1.93 28.82
C ALA A 467 26.62 1.91 30.36
N LEU A 468 26.03 2.95 30.93
CA LEU A 468 25.82 3.02 32.37
C LEU A 468 24.60 2.23 32.81
N GLY A 469 23.90 1.66 31.83
CA GLY A 469 22.63 0.98 32.09
C GLY A 469 21.45 1.91 32.08
N HIS A 470 21.67 3.14 31.63
CA HIS A 470 20.60 4.14 31.54
C HIS A 470 19.67 3.81 30.39
N ASP A 471 18.37 4.05 30.59
CA ASP A 471 17.38 3.84 29.55
C ASP A 471 17.63 4.77 28.35
N LEU A 472 17.18 4.35 27.18
CA LEU A 472 17.33 5.14 25.96
C LEU A 472 16.27 6.24 25.84
N ASP A 473 15.63 6.53 26.96
CA ASP A 473 14.69 7.65 27.08
C ASP A 473 15.43 8.89 27.61
N GLY A 474 16.75 8.83 27.57
CA GLY A 474 17.59 9.94 28.01
C GLY A 474 17.77 11.02 26.97
N GLN A 475 18.94 11.63 26.95
CA GLN A 475 19.23 12.76 26.09
C GLN A 475 20.55 12.57 25.34
N ASP A 476 20.79 13.40 24.34
CA ASP A 476 22.02 13.33 23.53
C ASP A 476 23.15 14.12 24.17
N ALA A 477 23.32 13.96 25.48
CA ALA A 477 24.39 14.63 26.21
C ALA A 477 25.75 13.96 25.93
N ASP A 478 26.80 14.77 25.84
CA ASP A 478 28.15 14.25 25.67
C ASP A 478 28.86 14.15 27.01
N GLU A 479 28.08 14.31 28.08
CA GLU A 479 28.56 14.17 29.45
C GLU A 479 27.95 12.93 30.10
N ASP A 480 27.20 12.16 29.32
CA ASP A 480 26.47 10.99 29.76
C ASP A 480 25.42 11.34 30.82
N ALA A 481 24.97 12.59 30.77
CA ALA A 481 24.03 13.14 31.76
C ALA A 481 22.64 13.33 31.16
N SER A 482 21.71 13.82 31.97
CA SER A 482 20.34 14.05 31.53
C SER A 482 20.14 15.41 30.87
N GLY A 483 21.22 16.16 30.66
CA GLY A 483 21.14 17.45 30.00
C GLY A 483 20.72 17.32 28.55
N SER A 484 19.98 18.30 28.04
CA SER A 484 19.47 18.24 26.68
C SER A 484 20.55 18.41 25.62
N GLY A 485 20.32 17.86 24.44
CA GLY A 485 21.26 17.98 23.33
C GLY A 485 20.59 17.74 22.00
N GLY A 486 21.32 17.95 20.91
CA GLY A 486 20.74 17.78 19.59
C GLY A 486 20.05 19.03 19.07
N GLY A 487 18.83 18.87 18.58
CA GLY A 487 18.04 20.00 18.10
C GLY A 487 18.24 20.37 16.64
N GLN A 488 19.39 20.97 16.34
CA GLN A 488 19.69 21.49 15.02
C GLN A 488 18.67 22.56 14.61
N GLN A 489 18.56 22.85 13.33
CA GLN A 489 17.63 23.87 12.83
C GLN A 489 17.16 23.52 11.42
N TYR A 490 16.04 24.09 11.01
CA TYR A 490 15.44 23.79 9.71
C TYR A 490 14.95 25.06 9.03
N ALA A 491 14.93 25.04 7.69
CA ALA A 491 14.38 26.13 6.89
C ALA A 491 13.35 25.60 5.91
N ASP A 492 12.57 26.49 5.30
CA ASP A 492 11.46 26.08 4.44
C ASP A 492 11.24 27.00 3.24
N ASP A 493 10.42 26.54 2.31
CA ASP A 493 10.11 27.29 1.09
C ASP A 493 8.62 27.67 1.04
N TRP A 494 8.33 28.92 1.39
CA TRP A 494 6.97 29.44 1.27
C TRP A 494 6.65 29.76 -0.19
N MET A 495 5.46 29.35 -0.62
CA MET A 495 5.03 29.55 -2.00
C MET A 495 3.57 30.00 -2.02
N ALA A 496 3.20 30.77 -3.04
CA ALA A 496 1.85 31.30 -3.16
C ALA A 496 1.33 31.18 -4.59
N GLY A 497 0.05 30.86 -4.73
CA GLY A 497 -0.57 30.72 -6.04
C GLY A 497 -2.08 30.76 -5.91
N ALA A 498 -2.71 31.71 -6.60
CA ALA A 498 -4.16 31.90 -6.48
C ALA A 498 -4.92 30.63 -6.84
N VAL A 499 -5.87 30.25 -5.99
CA VAL A 499 -6.69 29.07 -6.24
C VAL A 499 -7.87 29.43 -7.14
N ALA A 500 -8.42 30.62 -6.91
CA ALA A 500 -9.54 31.13 -7.69
C ALA A 500 -9.58 32.65 -7.56
N PRO A 501 -10.20 33.37 -8.52
CA PRO A 501 -10.49 32.98 -9.91
C PRO A 501 -9.29 32.55 -10.76
N PRO A 502 -8.15 33.27 -10.71
CA PRO A 502 -7.02 32.62 -11.39
C PRO A 502 -6.62 31.32 -10.69
N ALA A 503 -6.11 30.36 -11.48
CA ALA A 503 -5.67 29.08 -10.96
C ALA A 503 -4.16 28.93 -11.15
N ARG A 504 -3.41 29.76 -10.45
CA ARG A 504 -1.95 29.81 -10.59
C ARG A 504 -1.28 28.78 -9.68
N PRO A 505 -0.48 27.87 -10.25
CA PRO A 505 0.26 27.00 -9.33
C PRO A 505 1.18 27.77 -8.39
N PRO A 506 1.41 27.27 -7.17
CA PRO A 506 2.24 28.06 -6.26
C PRO A 506 3.69 28.30 -6.70
N ARG A 507 4.18 29.49 -6.40
CA ARG A 507 5.59 29.85 -6.63
C ARG A 507 6.09 30.67 -5.44
N PRO A 508 7.39 30.58 -5.12
CA PRO A 508 7.85 31.47 -4.05
C PRO A 508 7.82 32.93 -4.46
N PRO A 509 7.46 33.85 -3.55
CA PRO A 509 8.20 35.10 -3.49
C PRO A 509 9.68 34.91 -3.13
N TYR A 510 9.93 34.17 -2.06
CA TYR A 510 11.27 33.81 -1.63
C TYR A 510 11.16 32.72 -0.57
N PRO A 511 12.14 31.81 -0.47
CA PRO A 511 12.15 30.98 0.74
C PRO A 511 12.66 31.73 1.97
N PRO A 512 11.86 31.85 3.03
CA PRO A 512 12.38 32.56 4.20
C PRO A 512 13.35 31.71 5.03
N ARG A 513 14.63 31.91 4.80
CA ARG A 513 15.67 31.16 5.51
C ARG A 513 15.93 31.81 6.87
N ARG A 514 16.95 31.32 7.59
CA ARG A 514 17.33 31.89 8.88
C ARG A 514 17.53 33.40 8.81
N ASP A 515 18.15 33.85 7.72
CA ASP A 515 18.41 35.27 7.49
C ASP A 515 17.32 35.95 6.66
N GLY A 516 16.25 35.21 6.37
CA GLY A 516 15.15 35.73 5.58
C GLY A 516 15.35 35.71 4.08
N SER A 517 16.52 35.25 3.64
CA SER A 517 16.91 35.26 2.23
C SER A 517 16.84 36.68 1.67
N GLY A 518 16.68 36.80 0.35
CA GLY A 518 16.65 38.12 -0.28
C GLY A 518 15.46 38.97 0.11
N GLY A 519 14.39 38.33 0.59
CA GLY A 519 13.21 39.06 1.02
C GLY A 519 13.31 39.54 2.46
N LYS A 520 14.38 39.16 3.15
CA LYS A 520 14.67 39.56 4.51
C LYS A 520 13.56 39.19 5.50
N GLY A 521 12.80 38.16 5.16
CA GLY A 521 11.72 37.69 6.01
C GLY A 521 12.16 36.63 7.00
N GLY A 522 12.96 37.03 8.00
CA GLY A 522 13.42 36.09 9.00
C GLY A 522 13.81 36.75 10.31
N GLY A 523 13.96 35.93 11.34
CA GLY A 523 14.35 36.41 12.66
C GLY A 523 15.14 35.35 13.39
N GLY A 524 16.00 34.66 12.66
CA GLY A 524 16.76 33.54 13.21
C GLY A 524 15.92 32.29 13.18
N SER A 525 15.15 32.05 14.24
CA SER A 525 14.23 30.91 14.30
C SER A 525 12.90 31.23 13.64
N ALA A 526 12.60 32.52 13.48
CA ALA A 526 11.36 32.96 12.88
C ALA A 526 11.51 33.08 11.36
N ARG A 527 10.44 32.77 10.63
CA ARG A 527 10.44 32.80 9.18
C ARG A 527 9.17 33.52 8.70
N TYR A 528 9.33 34.50 7.82
CA TYR A 528 8.21 35.31 7.35
C TYR A 528 8.19 35.41 5.82
N ASN A 529 7.00 35.31 5.23
CA ASN A 529 6.86 35.47 3.79
C ASN A 529 5.96 36.68 3.51
N GLN A 530 6.44 37.58 2.65
CA GLN A 530 5.82 38.90 2.49
C GLN A 530 5.52 39.20 1.03
N GLY A 531 4.66 40.20 0.80
CA GLY A 531 4.29 40.58 -0.54
C GLY A 531 2.90 40.09 -0.90
N ARG A 532 2.71 39.74 -2.18
CA ARG A 532 1.42 39.25 -2.67
C ARG A 532 1.28 37.75 -2.41
N SER A 533 1.54 37.36 -1.17
CA SER A 533 1.55 35.95 -0.78
C SER A 533 0.17 35.37 -0.45
N ARG A 534 -0.87 35.91 -1.08
CA ARG A 534 -2.21 35.37 -0.94
C ARG A 534 -2.30 33.99 -1.58
N SER A 535 -3.18 33.16 -1.05
CA SER A 535 -3.16 31.71 -1.29
C SER A 535 -1.77 31.16 -1.05
N GLY A 536 -1.23 31.43 0.14
CA GLY A 536 0.11 31.00 0.49
C GLY A 536 0.19 29.60 1.08
N GLY A 537 1.40 29.21 1.44
CA GLY A 537 1.66 27.90 2.01
C GLY A 537 3.15 27.69 2.17
N ALA A 538 3.57 26.53 2.66
CA ALA A 538 4.99 26.25 2.89
C ALA A 538 5.36 24.80 2.61
N SER A 539 6.57 24.60 2.12
CA SER A 539 7.14 23.27 1.91
C SER A 539 8.35 23.10 2.83
N ILE A 540 8.28 22.14 3.74
CA ILE A 540 9.33 21.94 4.73
C ILE A 540 10.05 20.62 4.45
N GLY A 541 11.32 20.73 4.07
CA GLY A 541 12.15 19.56 3.84
C GLY A 541 13.16 19.40 4.95
N PHE A 542 12.96 18.40 5.81
CA PHE A 542 13.83 18.21 6.96
C PHE A 542 15.25 17.82 6.53
N HIS A 543 16.24 18.27 7.31
CA HIS A 543 17.64 18.16 6.90
C HIS A 543 18.37 16.99 7.55
N THR A 544 17.77 16.35 8.54
CA THR A 544 18.41 15.23 9.22
C THR A 544 18.04 13.90 8.56
N GLN A 545 16.93 13.91 7.83
CA GLN A 545 16.45 12.77 7.05
C GLN A 545 15.56 13.37 5.97
N THR A 546 15.58 12.82 4.77
CA THR A 546 14.78 13.36 3.68
C THR A 546 13.30 13.09 3.92
N ILE A 547 12.62 14.07 4.49
CA ILE A 547 11.19 14.02 4.77
C ILE A 547 10.63 15.35 4.29
N LEU A 548 9.58 15.32 3.48
CA LEU A 548 8.98 16.53 2.92
C LEU A 548 7.51 16.62 3.27
N ILE A 549 7.11 17.74 3.89
CA ILE A 549 5.72 17.98 4.25
C ILE A 549 5.26 19.33 3.72
N LEU A 550 3.96 19.48 3.54
CA LEU A 550 3.38 20.68 2.94
C LEU A 550 2.30 21.27 3.84
N SER A 551 2.09 22.57 3.72
CA SER A 551 1.03 23.27 4.44
C SER A 551 0.48 24.40 3.56
N LEU A 552 -0.76 24.82 3.83
CA LEU A 552 -1.42 25.87 3.08
C LEU A 552 -2.06 26.88 4.03
N SER A 553 -2.15 28.13 3.58
CA SER A 553 -2.76 29.20 4.37
C SER A 553 -4.11 29.59 3.76
N ALA A 554 -5.08 29.88 4.62
CA ALA A 554 -6.43 30.23 4.19
C ALA A 554 -6.50 31.69 3.73
N LEU A 555 -5.78 32.01 2.66
CA LEU A 555 -5.70 33.37 2.13
C LEU A 555 -6.15 33.41 0.67
N ALA A 556 -7.14 32.60 0.32
CA ALA A 556 -7.62 32.51 -1.05
C ALA A 556 -8.02 33.89 -1.60
N LEU A 557 -7.66 34.16 -2.85
CA LEU A 557 -7.90 35.47 -3.45
C LEU A 557 -9.38 35.80 -3.58
N LEU A 558 -10.14 34.85 -4.10
CA LEU A 558 -11.60 34.91 -4.24
C LEU A 558 -12.18 35.99 -5.17
N GLY A 559 -11.71 37.22 -5.05
CA GLY A 559 -12.25 38.31 -5.84
C GLY A 559 -13.63 38.74 -5.35
N PRO A 560 -14.35 39.58 -6.11
CA PRO A 560 -15.69 40.01 -5.70
C PRO A 560 -16.76 38.95 -5.95
N ARG A 561 -16.59 37.78 -5.34
CA ARG A 561 -17.51 36.67 -5.48
C ARG A 561 -18.91 37.04 -4.95
N GLU B 1 -2.98 0.92 -26.04
CA GLU B 1 -4.38 0.66 -25.60
C GLU B 1 -4.44 -0.57 -24.70
N VAL B 2 -4.71 -0.35 -23.42
CA VAL B 2 -4.79 -1.45 -22.45
C VAL B 2 -6.17 -2.09 -22.57
N GLN B 3 -6.21 -3.41 -22.77
CA GLN B 3 -7.47 -4.10 -23.02
C GLN B 3 -7.68 -5.34 -22.16
N LEU B 4 -8.94 -5.59 -21.80
CA LEU B 4 -9.35 -6.82 -21.14
C LEU B 4 -10.53 -7.40 -21.91
N GLN B 5 -10.54 -8.71 -22.10
CA GLN B 5 -11.60 -9.39 -22.82
C GLN B 5 -12.12 -10.56 -21.98
N GLN B 6 -13.43 -10.81 -22.02
CA GLN B 6 -14.03 -11.87 -21.22
C GLN B 6 -14.84 -12.87 -22.05
N SER B 7 -15.13 -14.02 -21.45
CA SER B 7 -15.96 -15.03 -22.08
C SER B 7 -17.39 -14.53 -22.24
N GLY B 8 -18.07 -15.01 -23.26
CA GLY B 8 -19.45 -14.62 -23.51
C GLY B 8 -20.42 -15.18 -22.49
N PRO B 9 -21.73 -14.93 -22.63
CA PRO B 9 -22.66 -15.43 -21.61
C PRO B 9 -22.62 -16.93 -21.36
N GLU B 10 -22.93 -17.31 -20.12
CA GLU B 10 -22.86 -18.69 -19.68
C GLU B 10 -24.23 -19.16 -19.22
N LEU B 11 -24.81 -20.11 -19.95
CA LEU B 11 -26.10 -20.68 -19.58
C LEU B 11 -25.84 -21.94 -18.78
N VAL B 12 -26.36 -21.99 -17.55
CA VAL B 12 -26.00 -23.04 -16.61
C VAL B 12 -27.17 -23.38 -15.69
N LYS B 13 -27.28 -24.66 -15.31
CA LYS B 13 -28.34 -25.10 -14.41
C LYS B 13 -27.94 -24.90 -12.95
N PRO B 14 -28.91 -24.66 -12.05
CA PRO B 14 -28.51 -24.45 -10.66
C PRO B 14 -27.87 -25.68 -10.01
N GLY B 15 -27.02 -25.42 -9.02
CA GLY B 15 -26.27 -26.47 -8.35
C GLY B 15 -24.94 -26.75 -9.01
N ALA B 16 -24.84 -26.45 -10.30
CA ALA B 16 -23.62 -26.69 -11.08
C ALA B 16 -22.61 -25.57 -10.89
N SER B 17 -21.66 -25.46 -11.81
CA SER B 17 -20.61 -24.45 -11.72
C SER B 17 -20.20 -23.93 -13.09
N VAL B 18 -19.62 -22.73 -13.12
CA VAL B 18 -19.10 -22.13 -14.35
C VAL B 18 -17.67 -21.67 -14.12
N LYS B 19 -16.90 -21.52 -15.21
CA LYS B 19 -15.55 -20.98 -15.15
C LYS B 19 -15.36 -19.93 -16.24
N MET B 20 -15.74 -18.70 -15.93
CA MET B 20 -15.56 -17.59 -16.85
C MET B 20 -14.10 -17.18 -16.90
N SER B 21 -13.71 -16.50 -17.97
CA SER B 21 -12.32 -16.14 -18.18
C SER B 21 -12.17 -14.65 -18.50
N CYS B 22 -10.97 -14.12 -18.24
CA CYS B 22 -10.61 -12.74 -18.54
C CYS B 22 -9.18 -12.71 -19.05
N LYS B 23 -9.00 -12.32 -20.31
CA LYS B 23 -7.67 -12.28 -20.91
C LYS B 23 -7.12 -10.87 -20.96
N ALA B 24 -5.91 -10.72 -20.45
CA ALA B 24 -5.17 -9.46 -20.51
C ALA B 24 -4.46 -9.33 -21.85
N SER B 25 -4.39 -8.11 -22.38
CA SER B 25 -3.61 -7.85 -23.58
C SER B 25 -3.06 -6.43 -23.55
N ARG B 26 -1.88 -6.26 -24.14
CA ARG B 26 -1.21 -4.96 -24.24
C ARG B 26 -0.89 -4.32 -22.90
N PHE B 27 -0.69 -5.16 -21.89
CA PHE B 27 -0.07 -4.76 -20.63
C PHE B 27 0.54 -5.99 -19.96
N THR B 28 1.42 -5.79 -19.00
CA THR B 28 2.08 -6.91 -18.32
C THR B 28 1.13 -7.59 -17.34
N PHE B 29 0.81 -8.85 -17.63
CA PHE B 29 -0.15 -9.62 -16.84
C PHE B 29 0.25 -9.78 -15.36
N THR B 30 1.54 -9.93 -15.10
CA THR B 30 2.03 -10.20 -13.76
C THR B 30 2.19 -8.96 -12.88
N ASP B 31 2.13 -7.77 -13.47
CA ASP B 31 2.37 -6.54 -12.72
C ASP B 31 1.12 -5.99 -12.02
N TYR B 32 -0.05 -6.39 -12.48
CA TYR B 32 -1.30 -5.79 -12.02
C TYR B 32 -2.24 -6.82 -11.39
N ASN B 33 -2.74 -6.50 -10.20
CA ASN B 33 -3.71 -7.37 -9.52
C ASN B 33 -5.03 -7.37 -10.29
N ILE B 34 -5.68 -8.52 -10.36
CA ILE B 34 -6.94 -8.64 -11.11
C ILE B 34 -8.05 -8.94 -10.11
N HIS B 35 -9.09 -8.12 -10.14
CA HIS B 35 -10.21 -8.24 -9.22
C HIS B 35 -11.46 -8.60 -10.02
N TRP B 36 -12.49 -9.11 -9.34
CA TRP B 36 -13.74 -9.45 -10.00
C TRP B 36 -14.92 -8.77 -9.29
N VAL B 37 -15.92 -8.40 -10.09
CA VAL B 37 -17.07 -7.63 -9.61
C VAL B 37 -18.37 -8.23 -10.16
N LYS B 38 -19.35 -8.44 -9.28
CA LYS B 38 -20.66 -8.95 -9.66
C LYS B 38 -21.63 -7.78 -9.81
N GLN B 39 -22.47 -7.81 -10.85
CA GLN B 39 -23.57 -6.86 -10.97
C GLN B 39 -24.90 -7.59 -11.16
N SER B 40 -25.64 -7.75 -10.07
CA SER B 40 -26.99 -8.30 -10.15
C SER B 40 -27.90 -7.21 -10.73
N PRO B 41 -28.82 -7.56 -11.65
CA PRO B 41 -29.63 -6.49 -12.23
C PRO B 41 -30.52 -5.73 -11.24
N GLY B 42 -30.87 -6.37 -10.14
CA GLY B 42 -31.71 -5.75 -9.13
C GLY B 42 -30.97 -5.13 -7.96
N LYS B 43 -29.66 -4.95 -8.08
CA LYS B 43 -28.86 -4.38 -7.00
C LYS B 43 -27.87 -3.34 -7.52
N THR B 44 -26.59 -3.56 -7.29
CA THR B 44 -25.52 -2.63 -7.65
C THR B 44 -24.25 -3.44 -7.85
N LEU B 45 -23.14 -2.78 -8.15
CA LEU B 45 -21.85 -3.45 -8.28
C LEU B 45 -21.41 -4.03 -6.93
N GLU B 46 -20.98 -5.28 -6.92
CA GLU B 46 -20.56 -5.95 -5.70
C GLU B 46 -19.17 -6.57 -5.87
N TRP B 47 -18.22 -6.13 -5.05
CA TRP B 47 -16.85 -6.62 -5.12
C TRP B 47 -16.73 -8.07 -4.65
N ILE B 48 -16.03 -8.90 -5.42
CA ILE B 48 -15.89 -10.31 -5.09
C ILE B 48 -14.56 -10.60 -4.40
N GLY B 49 -13.46 -10.09 -4.96
CA GLY B 49 -12.15 -10.36 -4.42
C GLY B 49 -11.06 -10.10 -5.45
N TYR B 50 -9.87 -10.65 -5.21
CA TYR B 50 -8.76 -10.51 -6.15
C TYR B 50 -7.82 -11.70 -6.23
N ILE B 51 -7.06 -11.74 -7.31
CA ILE B 51 -5.92 -12.64 -7.43
C ILE B 51 -4.71 -11.85 -7.94
N ASN B 52 -3.57 -12.05 -7.31
CA ASN B 52 -2.31 -11.50 -7.78
C ASN B 52 -1.73 -12.45 -8.83
N PRO B 53 -1.70 -12.05 -10.11
CA PRO B 53 -1.30 -13.06 -11.10
C PRO B 53 0.14 -13.55 -11.03
N ASN B 54 1.02 -12.84 -10.34
CA ASN B 54 2.42 -13.25 -10.22
C ASN B 54 2.67 -14.17 -9.04
N ASN B 55 1.93 -13.95 -7.95
CA ASN B 55 2.20 -14.61 -6.67
C ASN B 55 1.15 -15.65 -6.30
N GLY B 56 -0.05 -15.53 -6.84
CA GLY B 56 -1.14 -16.43 -6.48
C GLY B 56 -1.86 -16.05 -5.19
N ASP B 57 -1.66 -14.82 -4.75
CA ASP B 57 -2.32 -14.32 -3.54
C ASP B 57 -3.80 -14.07 -3.84
N ILE B 58 -4.68 -14.64 -3.02
CA ILE B 58 -6.13 -14.56 -3.25
C ILE B 58 -6.84 -14.11 -1.97
N PHE B 59 -7.72 -13.12 -2.10
CA PHE B 59 -8.55 -12.66 -0.98
C PHE B 59 -9.97 -12.37 -1.46
N TYR B 60 -10.96 -12.79 -0.69
CA TYR B 60 -12.36 -12.60 -1.06
C TYR B 60 -13.12 -11.68 -0.10
N LYS B 61 -14.15 -11.03 -0.63
CA LYS B 61 -15.26 -10.56 0.19
C LYS B 61 -15.88 -11.79 0.83
N GLN B 62 -16.20 -11.71 2.11
CA GLN B 62 -16.67 -12.85 2.88
C GLN B 62 -17.91 -13.50 2.27
N LYS B 63 -18.72 -12.73 1.58
CA LYS B 63 -19.95 -13.23 0.96
C LYS B 63 -19.72 -14.29 -0.12
N PHE B 64 -18.58 -14.22 -0.81
CA PHE B 64 -18.29 -15.13 -1.90
C PHE B 64 -17.20 -16.15 -1.58
N ASN B 65 -16.60 -16.01 -0.40
CA ASN B 65 -15.47 -16.83 0.01
C ASN B 65 -15.75 -18.34 -0.01
N GLY B 66 -17.01 -18.73 0.19
CA GLY B 66 -17.35 -20.14 0.25
C GLY B 66 -17.73 -20.80 -1.05
N LYS B 67 -17.81 -20.06 -2.15
CA LYS B 67 -18.23 -20.63 -3.43
C LYS B 67 -17.57 -20.04 -4.67
N ALA B 68 -16.47 -19.31 -4.48
CA ALA B 68 -15.72 -18.74 -5.61
C ALA B 68 -14.26 -19.16 -5.54
N THR B 69 -13.68 -19.51 -6.69
CA THR B 69 -12.27 -19.89 -6.76
C THR B 69 -11.61 -19.13 -7.91
N LEU B 70 -10.48 -18.48 -7.64
CA LEU B 70 -9.79 -17.69 -8.67
C LEU B 70 -8.49 -18.39 -9.07
N THR B 71 -8.24 -18.46 -10.37
CA THR B 71 -7.01 -19.04 -10.89
C THR B 71 -6.46 -18.17 -12.02
N ILE B 72 -5.19 -18.34 -12.36
CA ILE B 72 -4.56 -17.62 -13.47
C ILE B 72 -3.70 -18.56 -14.31
N ASN B 73 -3.47 -18.16 -15.56
CA ASN B 73 -2.46 -18.79 -16.41
C ASN B 73 -1.57 -17.70 -17.00
N LYS B 74 -0.31 -17.67 -16.59
CA LYS B 74 0.63 -16.64 -17.05
C LYS B 74 0.94 -16.74 -18.55
N SER B 75 0.87 -17.95 -19.09
CA SER B 75 1.25 -18.18 -20.49
C SER B 75 0.19 -17.71 -21.48
N SER B 76 -1.07 -17.69 -21.05
CA SER B 76 -2.16 -17.21 -21.89
C SER B 76 -2.61 -15.80 -21.48
N ASN B 77 -1.99 -15.28 -20.43
CA ASN B 77 -2.34 -13.98 -19.85
C ASN B 77 -3.80 -13.95 -19.43
N THR B 78 -4.30 -15.06 -18.87
CA THR B 78 -5.72 -15.19 -18.57
C THR B 78 -5.99 -15.47 -17.10
N ALA B 79 -6.89 -14.67 -16.52
CA ALA B 79 -7.42 -14.91 -15.18
C ALA B 79 -8.78 -15.59 -15.30
N TYR B 80 -9.14 -16.39 -14.31
CA TYR B 80 -10.40 -17.13 -14.33
C TYR B 80 -11.13 -16.98 -12.99
N MET B 81 -12.45 -17.12 -13.05
CA MET B 81 -13.26 -17.20 -11.83
C MET B 81 -14.24 -18.36 -11.92
N GLU B 82 -14.09 -19.31 -11.01
CA GLU B 82 -15.01 -20.43 -10.90
C GLU B 82 -16.07 -20.07 -9.86
N LEU B 83 -17.33 -20.27 -10.22
CA LEU B 83 -18.44 -20.04 -9.30
C LEU B 83 -19.20 -21.35 -9.13
N ARG B 84 -19.38 -21.78 -7.89
CA ARG B 84 -19.86 -23.11 -7.57
C ARG B 84 -21.15 -23.08 -6.76
N SER B 85 -21.88 -24.20 -6.78
CA SER B 85 -23.16 -24.34 -6.09
C SER B 85 -24.06 -23.17 -6.46
N LEU B 86 -24.25 -22.99 -7.77
CA LEU B 86 -24.95 -21.82 -8.30
C LEU B 86 -26.44 -21.81 -7.98
N THR B 87 -26.95 -20.60 -7.73
CA THR B 87 -28.35 -20.37 -7.42
C THR B 87 -28.89 -19.32 -8.39
N SER B 88 -30.19 -19.10 -8.41
CA SER B 88 -30.78 -18.09 -9.28
C SER B 88 -30.31 -16.68 -8.92
N GLU B 89 -29.83 -16.51 -7.70
CA GLU B 89 -29.32 -15.22 -7.23
C GLU B 89 -27.90 -14.94 -7.73
N ASP B 90 -27.30 -15.90 -8.42
CA ASP B 90 -26.00 -15.72 -9.06
C ASP B 90 -26.13 -15.34 -10.53
N SER B 91 -27.36 -15.09 -10.96
CA SER B 91 -27.62 -14.65 -12.33
C SER B 91 -27.31 -13.16 -12.43
N ALA B 92 -26.13 -12.85 -12.96
CA ALA B 92 -25.60 -11.50 -12.91
C ALA B 92 -24.55 -11.29 -14.00
N VAL B 93 -24.22 -10.02 -14.26
CA VAL B 93 -23.12 -9.69 -15.18
C VAL B 93 -21.86 -9.54 -14.32
N TYR B 94 -20.84 -10.33 -14.63
CA TYR B 94 -19.60 -10.33 -13.86
C TYR B 94 -18.47 -9.69 -14.67
N TYR B 95 -17.69 -8.83 -14.02
CA TYR B 95 -16.61 -8.12 -14.68
C TYR B 95 -15.26 -8.45 -14.05
N CYS B 96 -14.21 -8.50 -14.88
CA CYS B 96 -12.84 -8.48 -14.39
C CYS B 96 -12.29 -7.07 -14.56
N VAL B 97 -11.26 -6.73 -13.79
CA VAL B 97 -10.64 -5.40 -13.88
C VAL B 97 -9.13 -5.45 -13.69
N ARG B 98 -8.43 -4.44 -14.20
CA ARG B 98 -7.01 -4.24 -13.92
C ARG B 98 -6.87 -3.25 -12.76
N SER B 99 -6.41 -3.75 -11.62
CA SER B 99 -6.21 -2.90 -10.45
C SER B 99 -4.80 -2.33 -10.43
N SER B 100 -4.70 -1.05 -10.07
CA SER B 100 -3.43 -0.32 -10.07
C SER B 100 -3.30 0.50 -8.79
N ASN B 101 -2.07 0.88 -8.45
CA ASN B 101 -1.81 1.67 -7.26
C ASN B 101 -1.51 3.12 -7.63
N ILE B 102 -1.71 4.04 -6.70
CA ILE B 102 -1.30 5.43 -6.87
C ILE B 102 0.02 5.64 -6.14
N ARG B 103 0.61 6.82 -6.28
CA ARG B 103 1.94 7.12 -5.72
C ARG B 103 2.11 6.74 -4.25
N TYR B 104 1.06 6.92 -3.45
CA TYR B 104 1.11 6.62 -2.02
C TYR B 104 1.24 5.13 -1.71
N THR B 105 0.81 4.28 -2.64
CA THR B 105 0.88 2.83 -2.52
C THR B 105 0.31 2.24 -1.22
N PHE B 106 -0.65 2.94 -0.61
CA PHE B 106 -1.38 2.41 0.53
C PHE B 106 -2.80 2.04 0.12
N ASP B 107 -3.07 2.15 -1.17
CA ASP B 107 -4.42 2.00 -1.72
C ASP B 107 -4.35 1.60 -3.19
N ARG B 108 -5.50 1.25 -3.76
CA ARG B 108 -5.58 0.70 -5.11
C ARG B 108 -6.89 1.11 -5.79
N PHE B 109 -6.93 1.02 -7.10
CA PHE B 109 -8.10 1.43 -7.88
C PHE B 109 -8.19 0.63 -9.19
N PHE B 110 -9.35 0.66 -9.83
CA PHE B 110 -9.53 -0.05 -11.11
C PHE B 110 -9.43 0.92 -12.27
N ASP B 111 -8.47 0.70 -13.16
CA ASP B 111 -8.30 1.57 -14.32
C ASP B 111 -9.07 1.06 -15.54
N VAL B 112 -9.07 -0.26 -15.74
CA VAL B 112 -9.61 -0.87 -16.96
C VAL B 112 -10.55 -2.00 -16.58
N TRP B 113 -11.71 -2.06 -17.23
CA TRP B 113 -12.73 -3.07 -16.96
C TRP B 113 -12.88 -3.99 -18.18
N GLY B 114 -13.23 -5.24 -17.93
CA GLY B 114 -13.48 -6.19 -19.00
C GLY B 114 -14.84 -6.02 -19.64
N THR B 115 -15.09 -6.81 -20.68
CA THR B 115 -16.34 -6.73 -21.45
C THR B 115 -17.55 -7.30 -20.71
N GLY B 116 -17.30 -8.07 -19.66
CA GLY B 116 -18.39 -8.65 -18.88
C GLY B 116 -18.83 -10.03 -19.34
N THR B 117 -19.19 -10.86 -18.37
CA THR B 117 -19.72 -12.21 -18.62
C THR B 117 -21.07 -12.31 -17.93
N THR B 118 -22.13 -12.63 -18.67
CA THR B 118 -23.46 -12.77 -18.09
C THR B 118 -23.77 -14.23 -17.80
N VAL B 119 -23.89 -14.57 -16.52
CA VAL B 119 -24.23 -15.92 -16.11
C VAL B 119 -25.75 -16.00 -15.96
N THR B 120 -26.37 -16.99 -16.60
CA THR B 120 -27.80 -17.21 -16.45
C THR B 120 -28.02 -18.57 -15.79
N VAL B 121 -28.44 -18.53 -14.53
CA VAL B 121 -28.64 -19.76 -13.76
C VAL B 121 -30.10 -20.19 -13.87
N SER B 122 -30.36 -21.11 -14.79
CA SER B 122 -31.72 -21.56 -15.09
C SER B 122 -31.72 -23.03 -15.49
N SER B 123 -32.80 -23.73 -15.17
CA SER B 123 -32.92 -25.16 -15.49
C SER B 123 -33.34 -25.43 -16.94
N ALA B 124 -33.79 -24.39 -17.64
CA ALA B 124 -34.36 -24.53 -18.96
C ALA B 124 -33.35 -24.89 -20.06
N LYS B 125 -33.89 -25.40 -21.17
CA LYS B 125 -33.13 -25.66 -22.38
C LYS B 125 -33.56 -24.64 -23.43
N THR B 126 -32.87 -24.59 -24.56
CA THR B 126 -33.26 -23.69 -25.63
C THR B 126 -34.70 -23.98 -26.04
N THR B 127 -35.55 -22.96 -25.98
CA THR B 127 -36.99 -23.13 -26.19
C THR B 127 -37.54 -22.07 -27.14
N PRO B 128 -38.24 -22.46 -28.21
CA PRO B 128 -38.79 -21.42 -29.09
C PRO B 128 -39.97 -20.67 -28.48
N PRO B 129 -40.23 -19.43 -28.91
CA PRO B 129 -41.31 -18.67 -28.28
C PRO B 129 -42.73 -19.07 -28.66
N SER B 130 -43.65 -18.88 -27.71
CA SER B 130 -45.08 -18.87 -28.00
C SER B 130 -45.51 -17.42 -28.17
N VAL B 131 -45.75 -17.01 -29.41
CA VAL B 131 -46.10 -15.63 -29.71
C VAL B 131 -47.62 -15.49 -29.83
N TYR B 132 -48.18 -14.54 -29.09
CA TYR B 132 -49.63 -14.33 -29.07
C TYR B 132 -49.99 -12.90 -29.44
N PRO B 133 -50.88 -12.71 -30.44
CA PRO B 133 -51.25 -11.33 -30.76
C PRO B 133 -52.17 -10.73 -29.70
N LEU B 134 -52.12 -9.42 -29.52
CA LEU B 134 -52.98 -8.74 -28.56
C LEU B 134 -53.83 -7.68 -29.26
N ALA B 135 -55.13 -7.97 -29.38
CA ALA B 135 -56.07 -7.06 -30.02
C ALA B 135 -57.06 -6.55 -28.98
N PRO B 136 -57.56 -5.30 -29.12
CA PRO B 136 -58.53 -4.86 -28.11
C PRO B 136 -59.80 -5.72 -28.09
N GLY B 137 -60.43 -5.81 -26.92
CA GLY B 137 -61.66 -6.57 -26.80
C GLY B 137 -62.81 -5.84 -27.45
N SER B 138 -63.89 -6.58 -27.75
CA SER B 138 -65.06 -6.01 -28.40
C SER B 138 -65.78 -4.98 -27.52
N ALA B 139 -65.54 -5.05 -26.22
CA ALA B 139 -66.06 -4.06 -25.27
C ALA B 139 -65.39 -2.70 -25.41
N ALA B 140 -64.20 -2.65 -26.00
CA ALA B 140 -63.43 -1.42 -26.11
C ALA B 140 -63.73 -0.64 -27.39
N GLN B 141 -63.95 0.66 -27.25
CA GLN B 141 -64.18 1.53 -28.39
C GLN B 141 -62.86 2.06 -28.95
N THR B 142 -62.66 1.91 -30.26
CA THR B 142 -61.50 2.45 -30.93
C THR B 142 -61.62 3.96 -31.09
N ASN B 143 -60.48 4.64 -31.20
CA ASN B 143 -60.44 6.09 -31.32
C ASN B 143 -59.82 6.45 -32.68
N SER B 144 -59.34 7.67 -32.84
CA SER B 144 -58.61 8.06 -34.04
C SER B 144 -57.29 7.31 -34.17
N MET B 145 -56.77 6.85 -33.03
CA MET B 145 -55.55 6.05 -32.97
C MET B 145 -55.87 4.74 -32.24
N VAL B 146 -55.24 3.66 -32.66
CA VAL B 146 -55.47 2.34 -32.08
C VAL B 146 -54.15 1.73 -31.62
N THR B 147 -54.03 1.51 -30.32
CA THR B 147 -52.87 0.79 -29.76
C THR B 147 -53.08 -0.71 -29.99
N LEU B 148 -52.05 -1.37 -30.50
CA LEU B 148 -52.06 -2.81 -30.71
C LEU B 148 -50.85 -3.40 -30.01
N GLY B 149 -50.90 -4.68 -29.65
CA GLY B 149 -49.80 -5.30 -28.94
C GLY B 149 -49.50 -6.73 -29.36
N CYS B 150 -48.38 -7.24 -28.86
CA CYS B 150 -47.94 -8.60 -29.16
C CYS B 150 -47.20 -9.13 -27.93
N LEU B 151 -47.47 -10.38 -27.56
CA LEU B 151 -46.87 -11.01 -26.40
C LEU B 151 -46.00 -12.18 -26.84
N VAL B 152 -44.77 -12.23 -26.33
CA VAL B 152 -43.84 -13.31 -26.65
C VAL B 152 -43.51 -14.05 -25.37
N LYS B 153 -43.96 -15.30 -25.25
CA LYS B 153 -43.95 -16.00 -23.97
C LYS B 153 -43.25 -17.36 -24.04
N GLY B 154 -42.46 -17.66 -23.02
CA GLY B 154 -41.94 -19.01 -22.84
C GLY B 154 -40.75 -19.39 -23.68
N TYR B 155 -39.81 -18.47 -23.89
CA TYR B 155 -38.62 -18.74 -24.69
C TYR B 155 -37.36 -18.71 -23.81
N PHE B 156 -36.29 -19.33 -24.30
CA PHE B 156 -35.02 -19.34 -23.60
C PHE B 156 -33.89 -19.64 -24.58
N PRO B 157 -32.77 -18.91 -24.52
CA PRO B 157 -32.39 -17.75 -23.70
C PRO B 157 -32.97 -16.42 -24.19
N GLU B 158 -32.83 -15.38 -23.38
CA GLU B 158 -33.11 -14.02 -23.83
C GLU B 158 -31.98 -13.50 -24.73
N PRO B 159 -32.24 -12.43 -25.51
CA PRO B 159 -33.46 -11.78 -25.98
C PRO B 159 -34.03 -12.32 -27.29
N VAL B 160 -35.18 -11.78 -27.70
CA VAL B 160 -35.71 -11.99 -29.04
C VAL B 160 -35.83 -10.65 -29.75
N THR B 161 -35.89 -10.68 -31.08
CA THR B 161 -36.02 -9.46 -31.88
C THR B 161 -37.47 -9.34 -32.34
N VAL B 162 -38.10 -8.21 -32.06
CA VAL B 162 -39.49 -7.98 -32.45
C VAL B 162 -39.61 -6.70 -33.26
N THR B 163 -40.13 -6.81 -34.48
CA THR B 163 -40.37 -5.66 -35.34
C THR B 163 -41.84 -5.67 -35.77
N TRP B 164 -42.34 -4.53 -36.24
CA TRP B 164 -43.71 -4.44 -36.73
C TRP B 164 -43.72 -4.21 -38.24
N ASN B 165 -44.38 -5.12 -38.96
CA ASN B 165 -44.46 -5.07 -40.41
C ASN B 165 -43.07 -4.89 -41.04
N SER B 166 -42.13 -5.73 -40.60
CA SER B 166 -40.76 -5.72 -41.08
C SER B 166 -40.06 -4.36 -40.97
N GLY B 167 -40.50 -3.54 -40.02
CA GLY B 167 -39.89 -2.25 -39.79
C GLY B 167 -40.54 -1.09 -40.51
N SER B 168 -41.56 -1.37 -41.31
CA SER B 168 -42.30 -0.31 -42.00
C SER B 168 -43.21 0.45 -41.03
N LEU B 169 -43.51 -0.16 -39.90
CA LEU B 169 -44.20 0.52 -38.80
C LEU B 169 -43.19 0.67 -37.66
N SER B 170 -42.28 1.63 -37.82
CA SER B 170 -41.25 1.89 -36.81
C SER B 170 -41.65 2.94 -35.79
N SER B 171 -42.64 3.76 -36.14
CA SER B 171 -43.08 4.86 -35.28
C SER B 171 -44.09 4.39 -34.24
N GLY B 172 -44.00 4.94 -33.03
CA GLY B 172 -44.93 4.57 -31.97
C GLY B 172 -44.75 3.16 -31.47
N VAL B 173 -43.52 2.64 -31.54
CA VAL B 173 -43.22 1.26 -31.16
C VAL B 173 -42.42 1.20 -29.86
N HIS B 174 -42.91 0.38 -28.92
CA HIS B 174 -42.16 0.07 -27.71
C HIS B 174 -42.05 -1.45 -27.57
N THR B 175 -40.83 -1.96 -27.58
CA THR B 175 -40.56 -3.38 -27.34
C THR B 175 -39.88 -3.48 -25.97
N PHE B 176 -40.46 -4.27 -25.08
CA PHE B 176 -40.10 -4.24 -23.68
C PHE B 176 -39.08 -5.32 -23.31
N PRO B 177 -38.19 -5.05 -22.34
CA PRO B 177 -37.23 -6.08 -21.98
C PRO B 177 -37.85 -7.35 -21.41
N ALA B 178 -37.11 -8.45 -21.52
CA ALA B 178 -37.57 -9.75 -21.03
C ALA B 178 -37.64 -9.84 -19.50
N VAL B 179 -38.63 -10.58 -19.02
CA VAL B 179 -38.72 -10.95 -17.61
C VAL B 179 -38.80 -12.47 -17.55
N LEU B 180 -38.42 -13.06 -16.42
CA LEU B 180 -38.44 -14.52 -16.26
C LEU B 180 -39.69 -14.95 -15.50
N GLU B 181 -40.42 -15.93 -16.03
CA GLU B 181 -41.60 -16.44 -15.34
C GLU B 181 -41.32 -17.73 -14.58
N SER B 182 -40.67 -18.68 -15.25
CA SER B 182 -40.40 -20.00 -14.68
C SER B 182 -39.28 -20.67 -15.47
N ASP B 183 -38.07 -20.16 -15.28
CA ASP B 183 -36.88 -20.58 -16.03
C ASP B 183 -36.96 -20.24 -17.51
N LEU B 184 -38.07 -19.63 -17.93
CA LEU B 184 -38.30 -19.20 -19.31
C LEU B 184 -38.65 -17.72 -19.32
N TYR B 185 -38.32 -17.04 -20.42
CA TYR B 185 -38.47 -15.60 -20.52
C TYR B 185 -39.74 -15.19 -21.27
N THR B 186 -40.23 -14.00 -20.95
CA THR B 186 -41.41 -13.41 -21.57
C THR B 186 -41.19 -11.92 -21.80
N LEU B 187 -41.62 -11.41 -22.95
CA LEU B 187 -41.60 -9.98 -23.22
C LEU B 187 -42.79 -9.59 -24.08
N SER B 188 -43.04 -8.28 -24.20
CA SER B 188 -44.15 -7.76 -24.97
C SER B 188 -43.69 -6.63 -25.88
N SER B 189 -44.53 -6.28 -26.84
CA SER B 189 -44.28 -5.14 -27.73
C SER B 189 -45.61 -4.49 -28.09
N SER B 190 -45.58 -3.20 -28.41
CA SER B 190 -46.77 -2.47 -28.79
C SER B 190 -46.50 -1.49 -29.94
N VAL B 191 -47.54 -1.18 -30.68
CA VAL B 191 -47.50 -0.19 -31.76
C VAL B 191 -48.81 0.59 -31.74
N THR B 192 -48.75 1.89 -31.98
CA THR B 192 -49.95 2.72 -32.03
C THR B 192 -50.11 3.27 -33.45
N VAL B 193 -51.19 2.86 -34.11
CA VAL B 193 -51.43 3.19 -35.51
C VAL B 193 -52.73 3.97 -35.67
N PRO B 194 -52.87 4.77 -36.74
CA PRO B 194 -54.20 5.38 -36.91
C PRO B 194 -55.30 4.34 -37.13
N SER B 195 -56.54 4.75 -36.90
CA SER B 195 -57.68 3.86 -37.09
C SER B 195 -58.07 3.65 -38.55
N SER B 196 -57.71 4.57 -39.43
CA SER B 196 -58.04 4.44 -40.84
C SER B 196 -57.51 3.19 -41.54
N PRO B 197 -56.23 2.84 -41.36
CA PRO B 197 -55.80 1.55 -41.93
C PRO B 197 -56.19 0.32 -41.12
N ARG B 198 -57.01 0.47 -40.08
CA ARG B 198 -57.36 -0.63 -39.19
C ARG B 198 -58.86 -0.91 -39.22
N PRO B 199 -59.28 -2.16 -39.49
CA PRO B 199 -58.62 -3.44 -39.80
C PRO B 199 -58.28 -3.68 -41.27
N SER B 200 -58.35 -2.65 -42.09
CA SER B 200 -58.17 -2.80 -43.54
C SER B 200 -56.78 -3.26 -43.97
N GLU B 201 -55.76 -2.92 -43.19
CA GLU B 201 -54.38 -3.26 -43.51
C GLU B 201 -53.79 -4.20 -42.46
N THR B 202 -52.94 -5.12 -42.93
CA THR B 202 -52.32 -6.12 -42.07
C THR B 202 -51.32 -5.48 -41.11
N VAL B 203 -51.47 -5.75 -39.81
CA VAL B 203 -50.48 -5.36 -38.82
C VAL B 203 -49.97 -6.65 -38.16
N THR B 204 -48.66 -6.88 -38.25
CA THR B 204 -48.05 -8.13 -37.80
C THR B 204 -46.80 -7.86 -36.97
N CYS B 205 -46.71 -8.49 -35.80
CA CYS B 205 -45.46 -8.52 -35.07
C CYS B 205 -44.60 -9.66 -35.60
N ASN B 206 -43.37 -9.32 -35.97
CA ASN B 206 -42.42 -10.28 -36.52
C ASN B 206 -41.41 -10.60 -35.43
N VAL B 207 -41.44 -11.83 -34.92
CA VAL B 207 -40.65 -12.21 -33.76
C VAL B 207 -39.60 -13.27 -34.11
N ALA B 208 -38.34 -12.93 -33.92
CA ALA B 208 -37.24 -13.86 -34.20
C ALA B 208 -36.49 -14.28 -32.93
N HIS B 209 -36.29 -15.58 -32.78
CA HIS B 209 -35.53 -16.16 -31.69
C HIS B 209 -34.36 -16.92 -32.29
N PRO B 210 -33.20 -16.27 -32.44
CA PRO B 210 -32.10 -16.92 -33.19
C PRO B 210 -31.56 -18.20 -32.59
N ALA B 211 -31.67 -18.37 -31.26
CA ALA B 211 -31.10 -19.52 -30.59
C ALA B 211 -31.75 -20.84 -31.02
N SER B 212 -33.03 -20.80 -31.36
CA SER B 212 -33.73 -21.97 -31.88
C SER B 212 -33.98 -21.84 -33.38
N SER B 213 -33.37 -20.85 -34.01
CA SER B 213 -33.56 -20.53 -35.42
C SER B 213 -35.05 -20.45 -35.78
N THR B 214 -35.82 -19.78 -34.94
CA THR B 214 -37.28 -19.75 -35.09
C THR B 214 -37.80 -18.32 -35.28
N LYS B 215 -38.57 -18.11 -36.33
CA LYS B 215 -39.29 -16.85 -36.52
C LYS B 215 -40.79 -17.13 -36.54
N VAL B 216 -41.54 -16.31 -35.81
CA VAL B 216 -42.99 -16.47 -35.70
C VAL B 216 -43.63 -15.12 -36.03
N ASP B 217 -44.61 -15.13 -36.92
CA ASP B 217 -45.28 -13.91 -37.36
C ASP B 217 -46.77 -13.97 -37.04
N LYS B 218 -47.25 -13.05 -36.20
CA LYS B 218 -48.67 -13.03 -35.82
C LYS B 218 -49.38 -11.74 -36.22
N LYS B 219 -50.34 -11.88 -37.12
CA LYS B 219 -51.25 -10.78 -37.46
C LYS B 219 -52.11 -10.48 -36.24
N ILE B 220 -52.24 -9.19 -35.92
CA ILE B 220 -53.04 -8.76 -34.76
C ILE B 220 -54.52 -8.74 -35.15
N GLU B 221 -18.22 -4.19 7.23
CA GLU B 221 -17.69 -3.40 6.07
C GLU B 221 -18.43 -2.06 5.94
N ASN B 222 -17.74 -1.03 5.47
CA ASN B 222 -18.30 0.30 5.40
C ASN B 222 -19.32 0.42 4.27
N VAL B 223 -20.43 1.10 4.52
CA VAL B 223 -21.52 1.19 3.55
C VAL B 223 -21.46 2.51 2.81
N LEU B 224 -21.48 2.45 1.48
CA LEU B 224 -21.58 3.64 0.63
C LEU B 224 -23.02 3.79 0.12
N THR B 225 -23.57 4.98 0.29
CA THR B 225 -24.95 5.28 -0.12
C THR B 225 -24.99 6.47 -1.05
N GLN B 226 -25.69 6.34 -2.17
CA GLN B 226 -25.94 7.44 -3.09
C GLN B 226 -27.43 7.73 -3.05
N SER B 227 -27.81 8.70 -2.22
CA SER B 227 -29.21 9.05 -2.03
C SER B 227 -29.96 9.44 -3.31
N PRO B 228 -29.35 10.23 -4.20
CA PRO B 228 -30.00 10.21 -5.52
C PRO B 228 -29.72 8.94 -6.32
N ALA B 229 -30.64 7.98 -6.24
CA ALA B 229 -30.57 6.81 -7.10
C ALA B 229 -30.80 7.23 -8.55
N ILE B 230 -31.73 8.16 -8.75
CA ILE B 230 -32.03 8.73 -10.07
C ILE B 230 -32.05 10.24 -9.93
N MET B 231 -31.33 10.93 -10.80
CA MET B 231 -31.31 12.40 -10.82
C MET B 231 -31.59 12.90 -12.24
N SER B 232 -32.68 13.63 -12.42
CA SER B 232 -33.01 14.19 -13.73
C SER B 232 -32.15 15.43 -13.98
N ALA B 233 -31.70 15.58 -15.23
CA ALA B 233 -30.78 16.64 -15.62
C ALA B 233 -31.07 17.14 -17.04
N SER B 234 -30.41 18.22 -17.44
CA SER B 234 -30.55 18.79 -18.77
C SER B 234 -29.17 19.12 -19.34
N LEU B 235 -29.09 19.22 -20.66
CA LEU B 235 -27.83 19.55 -21.31
C LEU B 235 -27.38 20.95 -20.87
N GLY B 236 -26.07 21.09 -20.64
CA GLY B 236 -25.51 22.36 -20.22
C GLY B 236 -25.50 22.61 -18.72
N GLU B 237 -26.22 21.81 -17.96
CA GLU B 237 -26.31 22.00 -16.51
C GLU B 237 -25.02 21.65 -15.78
N LYS B 238 -24.81 22.30 -14.64
CA LYS B 238 -23.79 21.89 -13.67
C LYS B 238 -24.41 20.84 -12.76
N VAL B 239 -24.33 19.59 -13.18
CA VAL B 239 -24.98 18.47 -12.48
C VAL B 239 -24.04 17.96 -11.38
N THR B 240 -24.54 17.89 -10.15
CA THR B 240 -23.73 17.43 -9.03
C THR B 240 -24.38 16.24 -8.32
N MET B 241 -23.65 15.14 -8.25
CA MET B 241 -24.12 13.89 -7.65
C MET B 241 -23.23 13.57 -6.45
N SER B 242 -23.76 12.88 -5.45
CA SER B 242 -23.01 12.69 -4.21
C SER B 242 -23.10 11.30 -3.59
N CYS B 243 -22.05 10.96 -2.85
CA CYS B 243 -21.94 9.71 -2.10
C CYS B 243 -21.77 10.03 -0.62
N ARG B 244 -22.39 9.23 0.24
CA ARG B 244 -22.20 9.34 1.68
C ARG B 244 -21.81 7.97 2.23
N ALA B 245 -20.91 7.97 3.21
CA ALA B 245 -20.41 6.72 3.79
C ALA B 245 -20.79 6.60 5.27
N SER B 246 -20.83 5.37 5.76
CA SER B 246 -21.12 5.10 7.17
C SER B 246 -19.95 5.46 8.08
N SER B 247 -18.77 5.64 7.50
CA SER B 247 -17.56 5.96 8.23
C SER B 247 -16.67 6.85 7.38
N SER B 248 -15.59 7.37 7.97
CA SER B 248 -14.64 8.20 7.22
C SER B 248 -13.89 7.35 6.19
N VAL B 249 -13.74 7.89 4.99
CA VAL B 249 -13.12 7.18 3.87
C VAL B 249 -11.90 7.98 3.41
N ASN B 250 -10.73 7.38 3.44
CA ASN B 250 -9.51 8.06 3.01
C ASN B 250 -9.32 8.03 1.49
N TYR B 251 -9.94 7.05 0.83
CA TYR B 251 -9.79 6.87 -0.61
C TYR B 251 -11.12 6.52 -1.26
N ILE B 252 -11.62 7.43 -2.11
CA ILE B 252 -12.89 7.25 -2.81
C ILE B 252 -12.65 7.41 -4.30
N TYR B 253 -13.42 6.68 -5.10
CA TYR B 253 -13.23 6.61 -6.55
C TYR B 253 -14.59 6.70 -7.24
N TRP B 254 -14.64 7.31 -8.41
CA TRP B 254 -15.87 7.43 -9.18
C TRP B 254 -15.77 6.68 -10.50
N TYR B 255 -16.87 6.03 -10.88
CA TYR B 255 -16.96 5.25 -12.11
C TYR B 255 -18.22 5.64 -12.87
N GLN B 256 -18.14 5.57 -14.20
CA GLN B 256 -19.31 5.76 -15.07
C GLN B 256 -19.68 4.39 -15.65
N GLN B 257 -20.96 4.05 -15.65
CA GLN B 257 -21.46 2.96 -16.49
C GLN B 257 -22.56 3.48 -17.42
N LYS B 258 -22.24 3.53 -18.70
CA LYS B 258 -23.15 4.03 -19.72
C LYS B 258 -24.30 3.04 -19.95
N SER B 259 -25.25 3.45 -20.79
CA SER B 259 -26.42 2.62 -21.13
C SER B 259 -26.04 1.32 -21.83
N ASP B 260 -24.85 1.27 -22.43
CA ASP B 260 -24.34 0.05 -23.04
C ASP B 260 -23.62 -0.84 -22.02
N ALA B 261 -23.93 -0.60 -20.75
CA ALA B 261 -23.47 -1.39 -19.61
C ALA B 261 -21.96 -1.48 -19.44
N SER B 262 -21.22 -0.57 -20.07
CA SER B 262 -19.76 -0.57 -19.98
C SER B 262 -19.23 0.31 -18.85
N PRO B 263 -18.74 -0.27 -17.75
CA PRO B 263 -18.14 0.57 -16.70
C PRO B 263 -16.73 1.06 -16.99
N LYS B 264 -16.40 2.25 -16.51
CA LYS B 264 -15.08 2.85 -16.67
C LYS B 264 -14.74 3.81 -15.54
N LEU B 265 -13.48 3.83 -15.13
CA LEU B 265 -12.99 4.78 -14.13
C LEU B 265 -13.15 6.21 -14.63
N TRP B 266 -13.65 7.08 -13.77
CA TRP B 266 -13.87 8.48 -14.13
C TRP B 266 -12.99 9.45 -13.33
N ILE B 267 -12.94 9.26 -12.01
CA ILE B 267 -12.08 10.07 -11.14
C ILE B 267 -11.53 9.15 -10.07
N TYR B 268 -10.22 9.18 -9.84
CA TYR B 268 -9.60 8.36 -8.80
C TYR B 268 -9.13 9.23 -7.64
N TYR B 269 -9.06 8.63 -6.46
CA TYR B 269 -8.64 9.32 -5.24
C TYR B 269 -9.25 10.72 -5.14
N THR B 270 -10.57 10.73 -5.01
CA THR B 270 -11.38 11.93 -4.76
C THR B 270 -11.48 12.94 -5.90
N SER B 271 -10.36 13.48 -6.35
CA SER B 271 -10.36 14.62 -7.25
C SER B 271 -9.43 14.49 -8.46
N ASN B 272 -8.75 13.36 -8.59
CA ASN B 272 -7.79 13.17 -9.68
C ASN B 272 -8.51 12.58 -10.89
N LEU B 273 -8.78 13.43 -11.88
CA LEU B 273 -9.48 13.03 -13.09
C LEU B 273 -8.73 11.92 -13.81
N ALA B 274 -9.46 10.88 -14.22
CA ALA B 274 -8.85 9.75 -14.91
C ALA B 274 -8.38 10.14 -16.31
N PRO B 275 -7.30 9.54 -16.82
CA PRO B 275 -6.89 9.94 -18.17
C PRO B 275 -7.93 9.66 -19.25
N GLY B 276 -8.03 10.55 -20.23
CA GLY B 276 -8.97 10.39 -21.32
C GLY B 276 -10.37 10.90 -21.03
N VAL B 277 -10.62 11.29 -19.79
CA VAL B 277 -11.93 11.82 -19.39
C VAL B 277 -11.94 13.33 -19.62
N PRO B 278 -12.97 13.87 -20.29
CA PRO B 278 -12.95 15.33 -20.50
C PRO B 278 -12.88 16.16 -19.22
N ALA B 279 -12.31 17.35 -19.34
CA ALA B 279 -12.08 18.22 -18.18
C ALA B 279 -13.33 18.85 -17.59
N ARG B 280 -14.50 18.55 -18.12
CA ARG B 280 -15.76 19.06 -17.59
C ARG B 280 -16.18 18.36 -16.30
N PHE B 281 -15.54 17.25 -15.99
CA PHE B 281 -15.82 16.47 -14.79
C PHE B 281 -14.85 16.81 -13.68
N SER B 282 -15.35 16.93 -12.46
CA SER B 282 -14.52 17.17 -11.29
C SER B 282 -15.09 16.47 -10.06
N GLY B 283 -14.25 16.22 -9.06
CA GLY B 283 -14.68 15.55 -7.86
C GLY B 283 -14.11 16.20 -6.61
N SER B 284 -14.81 16.08 -5.49
CA SER B 284 -14.43 16.75 -4.25
C SER B 284 -15.05 16.08 -3.04
N GLY B 285 -14.63 16.51 -1.86
CA GLY B 285 -15.20 16.03 -0.60
C GLY B 285 -14.15 15.60 0.41
N SER B 286 -14.62 15.23 1.59
CA SER B 286 -13.73 14.81 2.68
C SER B 286 -14.52 13.96 3.68
N GLY B 287 -13.81 13.18 4.48
CA GLY B 287 -14.47 12.37 5.50
C GLY B 287 -15.37 11.31 4.92
N ASN B 288 -16.68 11.46 5.09
CA ASN B 288 -17.66 10.50 4.62
C ASN B 288 -18.65 11.12 3.62
N SER B 289 -18.25 12.18 2.95
CA SER B 289 -19.13 12.92 2.04
C SER B 289 -18.38 13.41 0.80
N TYR B 290 -18.73 12.85 -0.35
CA TYR B 290 -18.02 13.12 -1.60
C TYR B 290 -18.98 13.39 -2.76
N SER B 291 -18.51 14.13 -3.75
CA SER B 291 -19.34 14.52 -4.90
C SER B 291 -18.64 14.44 -6.25
N LEU B 292 -19.45 14.32 -7.29
CA LEU B 292 -19.02 14.34 -8.69
C LEU B 292 -19.81 15.45 -9.39
N THR B 293 -19.08 16.39 -9.99
CA THR B 293 -19.68 17.52 -10.67
C THR B 293 -19.43 17.44 -12.16
N ILE B 294 -20.50 17.54 -12.94
CA ILE B 294 -20.41 17.60 -14.40
C ILE B 294 -20.77 19.02 -14.82
N SER B 295 -19.78 19.80 -15.24
CA SER B 295 -20.05 21.12 -15.78
C SER B 295 -20.48 20.96 -17.23
N SER B 296 -21.42 21.79 -17.69
CA SER B 296 -21.86 21.77 -19.08
C SER B 296 -22.18 20.36 -19.58
N MET B 297 -23.15 19.71 -18.95
CA MET B 297 -23.48 18.33 -19.27
C MET B 297 -23.76 18.09 -20.75
N GLU B 298 -23.14 17.06 -21.30
CA GLU B 298 -23.35 16.64 -22.69
C GLU B 298 -24.24 15.41 -22.74
N GLY B 299 -24.71 15.05 -23.93
CA GLY B 299 -25.58 13.90 -24.09
C GLY B 299 -24.89 12.55 -23.88
N GLU B 300 -23.57 12.57 -23.79
CA GLU B 300 -22.79 11.36 -23.56
C GLU B 300 -22.68 11.05 -22.06
N ASP B 301 -23.36 11.85 -21.24
CA ASP B 301 -23.31 11.70 -19.79
C ASP B 301 -24.51 10.94 -19.25
N ALA B 302 -25.33 10.42 -20.15
CA ALA B 302 -26.51 9.62 -19.81
C ALA B 302 -26.06 8.24 -19.31
N ALA B 303 -25.76 8.17 -18.02
CA ALA B 303 -25.12 6.99 -17.44
C ALA B 303 -25.47 6.85 -15.96
N THR B 304 -25.08 5.72 -15.37
CA THR B 304 -25.17 5.51 -13.93
C THR B 304 -23.78 5.62 -13.35
N TYR B 305 -23.61 6.50 -12.36
CA TYR B 305 -22.30 6.78 -11.78
C TYR B 305 -22.20 6.19 -10.38
N TYR B 306 -21.09 5.52 -10.09
CA TYR B 306 -20.91 4.79 -8.85
C TYR B 306 -19.68 5.28 -8.08
N CYS B 307 -19.75 5.29 -6.76
CA CYS B 307 -18.55 5.36 -5.93
C CYS B 307 -18.00 3.98 -5.60
N GLN B 308 -16.69 3.90 -5.34
CA GLN B 308 -16.09 2.74 -4.71
C GLN B 308 -15.11 3.16 -3.61
N GLN B 309 -14.98 2.31 -2.60
CA GLN B 309 -14.09 2.55 -1.46
C GLN B 309 -13.02 1.46 -1.35
N PHE B 310 -11.77 1.87 -1.33
CA PHE B 310 -10.64 0.94 -1.11
C PHE B 310 -9.83 1.32 0.13
N SER B 311 -10.35 2.24 0.93
CA SER B 311 -9.68 2.63 2.18
C SER B 311 -9.81 1.54 3.24
N SER B 312 -10.73 0.61 3.01
CA SER B 312 -10.93 -0.55 3.87
C SER B 312 -11.19 -1.75 2.96
N SER B 313 -11.06 -2.95 3.51
CA SER B 313 -11.36 -4.17 2.77
C SER B 313 -12.28 -5.05 3.60
N PRO B 314 -13.24 -5.74 2.97
CA PRO B 314 -13.59 -5.80 1.55
C PRO B 314 -13.98 -4.46 0.94
N SER B 315 -13.65 -4.26 -0.33
CA SER B 315 -13.97 -3.03 -1.04
C SER B 315 -15.47 -2.99 -1.31
N THR B 316 -16.06 -1.81 -1.26
CA THR B 316 -17.51 -1.65 -1.42
C THR B 316 -17.85 -0.59 -2.46
N PHE B 317 -19.05 -0.69 -3.03
CA PHE B 317 -19.54 0.26 -4.03
C PHE B 317 -20.75 1.01 -3.49
N GLY B 318 -21.05 2.16 -4.11
CA GLY B 318 -22.28 2.87 -3.82
C GLY B 318 -23.47 2.28 -4.56
N THR B 319 -24.64 2.83 -4.30
CA THR B 319 -25.87 2.35 -4.92
C THR B 319 -26.05 2.84 -6.35
N GLY B 320 -25.29 3.86 -6.73
CA GLY B 320 -25.34 4.40 -8.08
C GLY B 320 -26.33 5.53 -8.30
N THR B 321 -25.98 6.47 -9.15
CA THR B 321 -26.86 7.57 -9.54
C THR B 321 -27.06 7.59 -11.05
N LYS B 322 -28.28 7.33 -11.50
CA LYS B 322 -28.62 7.36 -12.91
C LYS B 322 -29.10 8.75 -13.33
N LEU B 323 -28.54 9.28 -14.42
CA LEU B 323 -29.01 10.55 -14.97
C LEU B 323 -30.06 10.32 -16.05
N GLU B 324 -31.09 11.15 -16.01
CA GLU B 324 -32.22 11.08 -16.94
C GLU B 324 -32.52 12.47 -17.47
N LEU B 325 -33.06 12.59 -18.68
CA LEU B 325 -33.30 13.90 -19.28
C LEU B 325 -34.60 14.52 -18.76
N LYS B 326 -34.54 15.80 -18.42
CA LYS B 326 -35.72 16.56 -18.00
C LYS B 326 -36.60 16.94 -19.19
N ARG B 327 -37.91 16.81 -19.00
CA ARG B 327 -38.91 17.35 -19.92
C ARG B 327 -40.18 17.61 -19.11
N ALA B 328 -41.18 18.23 -19.74
CA ALA B 328 -42.46 18.46 -19.08
C ALA B 328 -43.13 17.12 -18.77
N ASP B 329 -43.91 17.07 -17.70
CA ASP B 329 -44.61 15.83 -17.34
C ASP B 329 -45.63 15.47 -18.41
N ALA B 330 -45.82 14.17 -18.63
CA ALA B 330 -46.73 13.69 -19.67
C ALA B 330 -47.53 12.50 -19.17
N ALA B 331 -48.83 12.49 -19.46
CA ALA B 331 -49.70 11.40 -19.04
C ALA B 331 -49.52 10.18 -19.93
N PRO B 332 -49.67 8.96 -19.38
CA PRO B 332 -49.49 7.81 -20.27
C PRO B 332 -50.64 7.58 -21.24
N THR B 333 -50.33 6.97 -22.37
CA THR B 333 -51.34 6.27 -23.17
C THR B 333 -51.58 4.95 -22.45
N VAL B 334 -52.84 4.64 -22.12
CA VAL B 334 -53.17 3.44 -21.36
C VAL B 334 -54.11 2.57 -22.16
N SER B 335 -53.71 1.32 -22.39
CA SER B 335 -54.52 0.36 -23.13
C SER B 335 -54.51 -1.00 -22.44
N ILE B 336 -55.59 -1.75 -22.56
CA ILE B 336 -55.74 -3.05 -21.93
C ILE B 336 -56.17 -4.08 -22.98
N PHE B 337 -55.54 -5.24 -22.95
CA PHE B 337 -55.78 -6.30 -23.93
C PHE B 337 -56.20 -7.59 -23.25
N PRO B 338 -57.32 -8.20 -23.69
CA PRO B 338 -57.53 -9.61 -23.32
C PRO B 338 -56.47 -10.54 -23.89
N PRO B 339 -56.33 -11.75 -23.32
CA PRO B 339 -55.44 -12.72 -23.97
C PRO B 339 -55.99 -13.22 -25.30
N SER B 340 -55.10 -13.67 -26.17
CA SER B 340 -55.51 -14.23 -27.46
C SER B 340 -56.23 -15.55 -27.28
N SER B 341 -57.05 -15.93 -28.26
CA SER B 341 -57.72 -17.21 -28.24
C SER B 341 -56.71 -18.35 -28.34
N GLU B 342 -55.59 -18.08 -29.00
CA GLU B 342 -54.50 -19.05 -29.12
C GLU B 342 -53.88 -19.34 -27.75
N GLN B 343 -53.81 -18.33 -26.90
CA GLN B 343 -53.28 -18.50 -25.55
C GLN B 343 -54.29 -19.21 -24.67
N LEU B 344 -55.56 -18.85 -24.81
CA LEU B 344 -56.63 -19.46 -24.02
C LEU B 344 -56.74 -20.95 -24.32
N THR B 345 -56.60 -21.34 -25.58
CA THR B 345 -56.64 -22.75 -25.95
C THR B 345 -55.39 -23.51 -25.51
N SER B 346 -54.30 -22.78 -25.25
CA SER B 346 -53.09 -23.37 -24.69
C SER B 346 -53.16 -23.47 -23.16
N GLY B 347 -54.22 -22.92 -22.58
CA GLY B 347 -54.44 -23.00 -21.14
C GLY B 347 -54.02 -21.77 -20.34
N GLY B 348 -53.56 -20.73 -21.02
CA GLY B 348 -53.12 -19.52 -20.36
C GLY B 348 -54.01 -18.32 -20.63
N ALA B 349 -53.93 -17.32 -19.75
CA ALA B 349 -54.74 -16.11 -19.87
C ALA B 349 -53.99 -14.88 -19.36
N SER B 350 -52.98 -14.46 -20.11
CA SER B 350 -52.26 -13.23 -19.79
C SER B 350 -52.97 -11.98 -20.29
N VAL B 351 -53.57 -11.25 -19.36
CA VAL B 351 -54.21 -9.97 -19.66
C VAL B 351 -53.09 -8.92 -19.61
N VAL B 352 -52.97 -8.11 -20.65
CA VAL B 352 -51.80 -7.22 -20.78
C VAL B 352 -52.23 -5.75 -20.81
N CYS B 353 -51.52 -4.91 -20.07
CA CYS B 353 -51.77 -3.48 -20.02
C CYS B 353 -50.50 -2.71 -20.35
N PHE B 354 -50.60 -1.75 -21.26
CA PHE B 354 -49.44 -0.96 -21.67
C PHE B 354 -49.60 0.49 -21.24
N LEU B 355 -48.51 1.06 -20.72
CA LEU B 355 -48.45 2.45 -20.32
C LEU B 355 -47.33 3.10 -21.13
N ASN B 356 -47.65 3.95 -22.08
CA ASN B 356 -46.65 4.49 -23.00
C ASN B 356 -46.52 6.02 -22.96
N ASN B 357 -45.32 6.49 -23.29
CA ASN B 357 -45.06 7.90 -23.58
C ASN B 357 -45.28 8.86 -22.42
N PHE B 358 -45.00 8.41 -21.19
CA PHE B 358 -45.19 9.24 -20.01
C PHE B 358 -43.87 9.74 -19.43
N TYR B 359 -43.95 10.80 -18.63
CA TYR B 359 -42.80 11.33 -17.90
C TYR B 359 -43.30 11.94 -16.60
N PRO B 360 -42.62 11.72 -15.46
CA PRO B 360 -41.39 10.97 -15.16
C PRO B 360 -41.56 9.45 -15.12
N LYS B 361 -40.45 8.74 -14.96
CA LYS B 361 -40.47 7.28 -14.87
C LYS B 361 -41.32 6.75 -13.72
N ASP B 362 -41.51 7.57 -12.70
CA ASP B 362 -42.25 7.18 -11.50
C ASP B 362 -43.75 7.07 -11.71
N ILE B 363 -44.18 5.89 -12.16
CA ILE B 363 -45.59 5.57 -12.38
C ILE B 363 -45.93 4.28 -11.65
N ASN B 364 -47.18 4.13 -11.22
CA ASN B 364 -47.63 2.92 -10.54
C ASN B 364 -48.81 2.30 -11.29
N VAL B 365 -48.94 0.99 -11.19
CA VAL B 365 -49.96 0.25 -11.92
C VAL B 365 -50.61 -0.77 -10.97
N LYS B 366 -51.93 -0.91 -11.08
CA LYS B 366 -52.68 -1.87 -10.27
C LYS B 366 -53.56 -2.74 -11.15
N TRP B 367 -53.71 -4.01 -10.76
CA TRP B 367 -54.65 -4.91 -11.41
C TRP B 367 -55.80 -5.24 -10.48
N LYS B 368 -57.01 -5.26 -11.02
CA LYS B 368 -58.19 -5.69 -10.26
C LYS B 368 -59.00 -6.70 -11.08
N ILE B 369 -59.59 -7.66 -10.37
CA ILE B 369 -60.51 -8.62 -10.98
C ILE B 369 -61.82 -8.50 -10.20
N ASP B 370 -62.89 -8.16 -10.90
CA ASP B 370 -64.19 -7.92 -10.30
C ASP B 370 -64.13 -6.86 -9.19
N GLY B 371 -63.18 -5.94 -9.32
CA GLY B 371 -63.01 -4.86 -8.37
C GLY B 371 -62.00 -5.12 -7.27
N SER B 372 -61.58 -6.38 -7.10
CA SER B 372 -60.64 -6.74 -6.05
C SER B 372 -59.22 -6.84 -6.59
N GLU B 373 -58.25 -6.33 -5.83
CA GLU B 373 -56.89 -6.14 -6.33
C GLU B 373 -56.04 -7.41 -6.36
N ARG B 374 -55.23 -7.55 -7.41
CA ARG B 374 -54.29 -8.65 -7.53
C ARG B 374 -52.86 -8.13 -7.65
N GLN B 375 -51.98 -8.66 -6.80
CA GLN B 375 -50.55 -8.51 -6.98
C GLN B 375 -49.91 -9.82 -7.44
N ASN B 376 -50.53 -10.94 -7.10
CA ASN B 376 -50.04 -12.25 -7.53
C ASN B 376 -50.29 -12.41 -9.02
N GLY B 377 -49.30 -12.97 -9.73
CA GLY B 377 -49.41 -13.17 -11.16
C GLY B 377 -49.13 -11.92 -11.99
N VAL B 378 -48.70 -10.85 -11.34
CA VAL B 378 -48.43 -9.58 -12.03
C VAL B 378 -46.95 -9.49 -12.40
N LEU B 379 -46.69 -9.36 -13.70
CA LEU B 379 -45.35 -9.19 -14.24
C LEU B 379 -45.24 -7.76 -14.77
N ASN B 380 -44.18 -7.05 -14.40
CA ASN B 380 -43.98 -5.68 -14.87
C ASN B 380 -42.63 -5.52 -15.56
N SER B 381 -42.61 -4.78 -16.65
CA SER B 381 -41.39 -4.51 -17.40
C SER B 381 -41.26 -3.01 -17.63
N TRP B 382 -40.01 -2.54 -17.70
CA TRP B 382 -39.70 -1.12 -17.74
C TRP B 382 -38.84 -0.83 -18.96
N THR B 383 -38.91 0.38 -19.49
CA THR B 383 -38.04 0.79 -20.59
C THR B 383 -37.09 1.90 -20.13
N ASP B 384 -35.94 1.97 -20.80
CA ASP B 384 -35.06 3.13 -20.66
C ASP B 384 -35.67 4.30 -21.40
N GLN B 385 -35.22 5.51 -21.09
CA GLN B 385 -35.80 6.73 -21.64
C GLN B 385 -35.73 6.78 -23.16
N ASP B 386 -36.85 7.13 -23.78
CA ASP B 386 -36.91 7.30 -25.23
C ASP B 386 -35.97 8.43 -25.64
N SER B 387 -35.11 8.18 -26.63
CA SER B 387 -34.09 9.15 -27.01
C SER B 387 -34.63 10.32 -27.83
N LYS B 388 -35.85 10.17 -28.34
CA LYS B 388 -36.48 11.19 -29.18
C LYS B 388 -37.51 12.01 -28.41
N ASP B 389 -38.23 11.36 -27.52
CA ASP B 389 -39.33 11.99 -26.80
C ASP B 389 -39.00 12.28 -25.34
N SER B 390 -37.90 11.71 -24.85
CA SER B 390 -37.51 11.78 -23.45
C SER B 390 -38.60 11.27 -22.50
N THR B 391 -39.33 10.25 -22.93
CA THR B 391 -40.42 9.66 -22.14
C THR B 391 -40.13 8.19 -21.83
N TYR B 392 -40.94 7.62 -20.95
CA TYR B 392 -40.80 6.22 -20.52
C TYR B 392 -42.04 5.42 -20.87
N SER B 393 -41.89 4.10 -20.90
CA SER B 393 -43.01 3.18 -21.07
C SER B 393 -42.90 1.98 -20.14
N MET B 394 -44.04 1.39 -19.81
CA MET B 394 -44.13 0.21 -18.96
C MET B 394 -45.13 -0.75 -19.59
N SER B 395 -44.85 -2.05 -19.53
CA SER B 395 -45.86 -3.06 -19.87
C SER B 395 -46.10 -3.94 -18.64
N SER B 396 -47.36 -4.08 -18.28
CA SER B 396 -47.77 -4.87 -17.12
C SER B 396 -48.63 -6.03 -17.61
N THR B 397 -48.40 -7.22 -17.06
CA THR B 397 -49.12 -8.42 -17.47
C THR B 397 -49.66 -9.19 -16.27
N LEU B 398 -50.95 -9.49 -16.30
CA LEU B 398 -51.58 -10.34 -15.30
C LEU B 398 -51.70 -11.75 -15.87
N THR B 399 -50.77 -12.61 -15.50
CA THR B 399 -50.71 -13.96 -16.04
C THR B 399 -51.56 -14.92 -15.21
N LEU B 400 -52.57 -15.49 -15.85
CA LEU B 400 -53.49 -16.44 -15.23
C LEU B 400 -53.58 -17.70 -16.07
N THR B 401 -54.25 -18.73 -15.55
CA THR B 401 -54.65 -19.87 -16.36
C THR B 401 -55.99 -19.57 -17.03
N LYS B 402 -56.37 -20.35 -18.03
CA LYS B 402 -57.65 -20.17 -18.69
C LYS B 402 -58.82 -20.27 -17.73
N ASP B 403 -58.74 -21.20 -16.78
CA ASP B 403 -59.85 -21.44 -15.85
C ASP B 403 -60.15 -20.20 -15.01
N GLU B 404 -59.14 -19.45 -14.62
CA GLU B 404 -59.32 -18.24 -13.83
C GLU B 404 -59.96 -17.14 -14.66
N TYR B 405 -59.71 -17.15 -15.96
CA TYR B 405 -60.29 -16.17 -16.89
C TYR B 405 -61.77 -16.42 -17.12
N GLU B 406 -62.18 -17.68 -17.19
CA GLU B 406 -63.58 -18.05 -17.41
C GLU B 406 -64.42 -17.84 -16.15
N ARG B 407 -63.79 -17.96 -14.99
CA ARG B 407 -64.50 -17.85 -13.70
C ARG B 407 -64.75 -16.41 -13.27
N HIS B 408 -64.16 -15.44 -13.97
CA HIS B 408 -64.25 -14.04 -13.59
C HIS B 408 -64.71 -13.16 -14.74
N ASN B 409 -65.29 -12.00 -14.41
CA ASN B 409 -65.88 -11.13 -15.42
C ASN B 409 -65.09 -9.87 -15.72
N SER B 410 -64.98 -8.96 -14.75
CA SER B 410 -64.34 -7.67 -14.99
C SER B 410 -62.84 -7.71 -14.75
N TYR B 411 -62.07 -7.27 -15.74
CA TYR B 411 -60.62 -7.16 -15.63
C TYR B 411 -60.21 -5.71 -15.82
N THR B 412 -59.49 -5.17 -14.84
CA THR B 412 -59.20 -3.74 -14.78
C THR B 412 -57.72 -3.43 -14.54
N CYS B 413 -57.21 -2.49 -15.33
CA CYS B 413 -55.87 -1.94 -15.19
C CYS B 413 -56.00 -0.48 -14.75
N GLU B 414 -55.29 -0.10 -13.70
CA GLU B 414 -55.33 1.28 -13.19
C GLU B 414 -53.93 1.89 -13.17
N ALA B 415 -53.77 3.04 -13.80
CA ALA B 415 -52.48 3.72 -13.88
C ALA B 415 -52.45 4.99 -13.05
N THR B 416 -51.84 4.94 -11.87
CA THR B 416 -51.68 6.10 -11.01
C THR B 416 -50.42 6.85 -11.43
N HIS B 417 -50.55 8.15 -11.71
CA HIS B 417 -49.43 8.95 -12.20
C HIS B 417 -49.54 10.39 -11.68
N LYS B 418 -48.40 11.08 -11.62
CA LYS B 418 -48.33 12.43 -11.07
C LYS B 418 -49.12 13.48 -11.86
N THR B 419 -49.49 13.14 -13.09
CA THR B 419 -50.27 14.04 -13.94
C THR B 419 -51.77 13.97 -13.66
N SER B 420 -52.17 13.17 -12.68
CA SER B 420 -53.57 13.06 -12.29
C SER B 420 -53.69 12.84 -10.78
N THR B 421 -54.86 13.19 -10.23
CA THR B 421 -55.13 12.98 -8.81
C THR B 421 -55.86 11.67 -8.57
N SER B 422 -56.11 10.93 -9.66
CA SER B 422 -56.78 9.64 -9.61
C SER B 422 -56.18 8.76 -10.71
N PRO B 423 -56.26 7.44 -10.58
CA PRO B 423 -55.66 6.64 -11.67
C PRO B 423 -56.47 6.67 -12.96
N ILE B 424 -55.78 6.44 -14.07
CA ILE B 424 -56.44 6.25 -15.36
C ILE B 424 -56.88 4.79 -15.39
N VAL B 425 -58.18 4.56 -15.60
CA VAL B 425 -58.76 3.23 -15.45
C VAL B 425 -59.23 2.68 -16.80
N LYS B 426 -58.73 1.51 -17.17
CA LYS B 426 -59.18 0.81 -18.37
C LYS B 426 -59.60 -0.60 -17.99
N SER B 427 -60.68 -1.08 -18.58
CA SER B 427 -61.23 -2.39 -18.22
C SER B 427 -62.06 -3.00 -19.35
N PHE B 428 -62.31 -4.30 -19.23
CA PHE B 428 -63.24 -5.01 -20.10
C PHE B 428 -63.96 -6.08 -19.28
N ASN B 429 -65.08 -6.57 -19.79
CA ASN B 429 -65.81 -7.65 -19.14
C ASN B 429 -65.79 -8.91 -20.00
N ARG B 430 -65.63 -10.06 -19.36
CA ARG B 430 -65.65 -11.36 -20.05
C ARG B 430 -66.97 -11.56 -20.80
N ASN B 431 -68.06 -11.12 -20.19
CA ASN B 431 -69.39 -11.26 -20.79
C ASN B 431 -69.59 -10.35 -22.00
N GLU B 432 -68.73 -9.35 -22.15
CA GLU B 432 -68.80 -8.41 -23.27
C GLU B 432 -67.68 -8.63 -24.28
#